data_8Y3F
#
_entry.id   8Y3F
#
_cell.length_a   1.00
_cell.length_b   1.00
_cell.length_c   1.00
_cell.angle_alpha   90.00
_cell.angle_beta   90.00
_cell.angle_gamma   90.00
#
_symmetry.space_group_name_H-M   'P 1'
#
loop_
_entity.id
_entity.type
_entity.pdbx_description
1 polymer 'Histone H3.1'
2 polymer 'Histone H4'
3 polymer 'Histone H2A type 1-B/E'
4 polymer 'Histone H2B type 1-J'
5 polymer 'DNA (250-MER)'
6 polymer 'DNA (250-MER)'
#
loop_
_entity_poly.entity_id
_entity_poly.type
_entity_poly.pdbx_seq_one_letter_code
_entity_poly.pdbx_strand_id
1 'polypeptide(L)'
;GSHMARTKQTARKSTGGKAPRKQLATKAARKSAPATGGVKKPHRYRPGTVALREIRRYQKSTELLIRKLPFQRLVREIAQ
DFKTDLRFQSSAVMALQEACEAYLVGLFEDTNLCAIHAKRVTIMPKDIQLARRIRGERA
;
A,E,K,O
2 'polypeptide(L)'
;GSHMSGRGKGGKGLGKGGAKRHRKVLRDNIQGITKPAIRRLARRGGVKRISGLIYEETRGVLKVFLENVIRDAVTYTEHA
KRKTVTAMDVVYALKRQGRTLYGFGG
;
B,F,L,P
3 'polypeptide(L)'
;GSHMSGRGKQGGKARAKAKTRSSRAGLQFPVGRVHRLLRKGNYSERVGAGAPVYLAAVLEYLTAEILELAGNAARDNKKT
RIIPRHLQLAIRNDEELNKLLGRVTIAQGGVLPNIQAVLLPKKTESHHKAKGK
;
C,G,M
4 'polypeptide(L)'
;GSHMPEPAKSAPAPKKGSKKAVTKAQKKDGKKRKRSRKESYSIYVYKVLKQVHPDTGISSKAMGIMNSFVNDIFERIAGE
ASRLAHYNKRSTITSREIQTAVRLLLPGELAKHAVSEGTKAVTKYTSAK
;
D,H,N
5 'polydeoxyribonucleotide'
;(DA)(DT)(DC)(DG)(DG)(DA)(DT)(DG)(DT)(DA)(DT)(DA)(DT)(DA)(DT)(DC)(DT)(DG)(DA)(DC)
(DA)(DC)(DG)(DT)(DG)(DC)(DC)(DT)(DG)(DG)(DA)(DG)(DA)(DC)(DT)(DA)(DG)(DG)(DG)(DA)
(DG)(DT)(DA)(DA)(DT)(DC)(DC)(DC)(DC)(DT)(DT)(DG)(DG)(DC)(DG)(DG)(DT)(DT)(DA)(DA)
(DA)(DA)(DC)(DG)(DC)(DG)(DG)(DG)(DG)(DG)(DA)(DC)(DA)(DG)(DC)(DG)(DC)(DG)(DT)(DA)
(DC)(DG)(DT)(DG)(DC)(DG)(DT)(DT)(DT)(DA)(DA)(DG)(DC)(DG)(DG)(DT)(DG)(DC)(DT)(DA)
(DG)(DA)(DG)(DC)(DT)(DG)(DT)(DC)(DT)(DA)(DC)(DG)(DA)(DC)(DC)(DA)(DA)(DT)(DT)(DG)
(DA)(DG)(DC)(DT)(DC)(DG)(DA)(DG)(DC)(DC)(DT)(DG)(DG)(DA)(DG)(DA)(DC)(DT)(DA)(DG)
(DG)(DG)(DA)(DG)(DT)(DA)(DA)(DT)(DC)(DC)(DC)(DC)(DT)(DT)(DG)(DG)(DC)(DG)(DG)(DT)
(DT)(DA)(DA)(DA)(DA)(DC)(DG)(DC)(DG)(DG)(DG)(DG)(DG)(DA)(DC)(DA)(DG)(DC)(DG)(DC)
(DG)(DT)(DA)(DC)(DG)(DT)(DG)(DC)(DG)(DT)(DT)(DT)(DA)(DA)(DG)(DC)(DG)(DG)(DT)(DG)
(DC)(DT)(DA)(DG)(DA)(DG)(DC)(DT)(DG)(DT)(DC)(DT)(DA)(DC)(DG)(DA)(DC)(DC)(DA)(DA)
(DT)(DT)(DG)(DA)(DG)(DC)(DG)(DG)(DC)(DC)(DT)(DC)(DG)(DG)(DC)(DA)(DC)(DC)(DG)(DG)
(DG)(DA)(DT)(DT)(DC)(DT)(DC)(DG)(DA)(DT)
;
I
6 'polydeoxyribonucleotide'
;(DA)(DT)(DC)(DG)(DA)(DG)(DA)(DA)(DT)(DC)(DC)(DC)(DG)(DG)(DT)(DG)(DC)(DC)(DG)(DA)
(DG)(DG)(DC)(DC)(DG)(DC)(DT)(DC)(DA)(DA)(DT)(DT)(DG)(DG)(DT)(DC)(DG)(DT)(DA)(DG)
(DA)(DC)(DA)(DG)(DC)(DT)(DC)(DT)(DA)(DG)(DC)(DA)(DC)(DC)(DG)(DC)(DT)(DT)(DA)(DA)
(DA)(DC)(DG)(DC)(DA)(DC)(DG)(DT)(DA)(DC)(DG)(DC)(DG)(DC)(DT)(DG)(DT)(DC)(DC)(DC)
(DC)(DC)(DG)(DC)(DG)(DT)(DT)(DT)(DT)(DA)(DA)(DC)(DC)(DG)(DC)(DC)(DA)(DA)(DG)(DG)
(DG)(DG)(DA)(DT)(DT)(DA)(DC)(DT)(DC)(DC)(DC)(DT)(DA)(DG)(DT)(DC)(DT)(DC)(DC)(DA)
(DG)(DG)(DC)(DT)(DC)(DG)(DA)(DG)(DC)(DT)(DC)(DA)(DA)(DT)(DT)(DG)(DG)(DT)(DC)(DG)
(DT)(DA)(DG)(DA)(DC)(DA)(DG)(DC)(DT)(DC)(DT)(DA)(DG)(DC)(DA)(DC)(DC)(DG)(DC)(DT)
(DT)(DA)(DA)(DA)(DC)(DG)(DC)(DA)(DC)(DG)(DT)(DA)(DC)(DG)(DC)(DG)(DC)(DT)(DG)(DT)
(DC)(DC)(DC)(DC)(DC)(DG)(DC)(DG)(DT)(DT)(DT)(DT)(DA)(DA)(DC)(DC)(DG)(DC)(DC)(DA)
(DA)(DG)(DG)(DG)(DG)(DA)(DT)(DT)(DA)(DC)(DT)(DC)(DC)(DC)(DT)(DA)(DG)(DT)(DC)(DT)
(DC)(DC)(DA)(DG)(DG)(DC)(DA)(DC)(DG)(DT)(DG)(DT)(DC)(DA)(DG)(DA)(DT)(DA)(DT)(DA)
(DT)(DA)(DC)(DA)(DT)(DC)(DC)(DG)(DA)(DT)
;
J
#
# COMPACT_ATOMS: atom_id res chain seq x y z
N HIS A 43 8.09 -11.92 -43.23
CA HIS A 43 7.67 -11.31 -41.98
C HIS A 43 8.27 -12.03 -40.77
N ARG A 44 8.57 -11.27 -39.73
CA ARG A 44 9.11 -11.82 -38.48
C ARG A 44 8.59 -11.01 -37.30
N TYR A 45 7.98 -11.69 -36.33
CA TYR A 45 7.53 -11.00 -35.13
C TYR A 45 8.71 -10.77 -34.19
N ARG A 46 8.64 -9.65 -33.46
CA ARG A 46 9.70 -9.32 -32.51
C ARG A 46 9.65 -10.27 -31.32
N PRO A 47 10.80 -10.53 -30.69
CA PRO A 47 10.81 -11.37 -29.48
C PRO A 47 9.84 -10.87 -28.42
N GLY A 48 8.90 -11.73 -28.00
CA GLY A 48 7.93 -11.40 -26.98
C GLY A 48 6.50 -11.33 -27.49
N THR A 49 6.30 -10.89 -28.73
CA THR A 49 4.94 -10.76 -29.25
C THR A 49 4.28 -12.12 -29.32
N VAL A 50 5.01 -13.12 -29.83
CA VAL A 50 4.44 -14.44 -29.99
C VAL A 50 4.38 -15.08 -28.62
N ALA A 51 5.34 -14.76 -27.75
CA ALA A 51 5.29 -15.22 -26.37
C ALA A 51 3.99 -14.78 -25.71
N LEU A 52 3.66 -13.48 -25.83
CA LEU A 52 2.42 -12.98 -25.27
C LEU A 52 1.21 -13.66 -25.90
N ARG A 53 1.24 -13.85 -27.22
CA ARG A 53 0.15 -14.57 -27.88
C ARG A 53 -0.04 -15.96 -27.31
N GLU A 54 1.07 -16.66 -27.04
CA GLU A 54 0.97 -18.00 -26.46
C GLU A 54 0.45 -17.96 -25.03
N ILE A 55 0.86 -16.94 -24.26
CA ILE A 55 0.34 -16.80 -22.90
C ILE A 55 -1.16 -16.63 -22.93
N ARG A 56 -1.66 -15.71 -23.76
CA ARG A 56 -3.10 -15.51 -23.86
C ARG A 56 -3.81 -16.79 -24.32
N ARG A 57 -3.25 -17.44 -25.33
CA ARG A 57 -3.82 -18.68 -25.86
C ARG A 57 -3.97 -19.74 -24.78
N TYR A 58 -2.90 -20.02 -24.04
CA TYR A 58 -2.95 -21.11 -23.08
C TYR A 58 -3.63 -20.73 -21.78
N GLN A 59 -3.76 -19.44 -21.48
CA GLN A 59 -4.54 -19.07 -20.31
C GLN A 59 -6.03 -19.05 -20.65
N LYS A 60 -6.36 -18.98 -21.94
CA LYS A 60 -7.75 -19.01 -22.38
C LYS A 60 -8.32 -20.42 -22.34
N SER A 61 -7.49 -21.44 -22.53
CA SER A 61 -7.95 -22.81 -22.70
C SER A 61 -7.69 -23.64 -21.45
N THR A 62 -8.16 -24.89 -21.49
CA THR A 62 -8.12 -25.78 -20.35
C THR A 62 -7.57 -27.16 -20.68
N GLU A 63 -7.15 -27.42 -21.92
CA GLU A 63 -6.71 -28.75 -22.29
C GLU A 63 -5.42 -29.12 -21.56
N LEU A 64 -5.26 -30.41 -21.32
CA LEU A 64 -4.06 -30.91 -20.64
C LEU A 64 -2.82 -30.63 -21.50
N LEU A 65 -1.71 -30.30 -20.84
CA LEU A 65 -0.54 -29.79 -21.55
C LEU A 65 0.62 -30.76 -21.65
N ILE A 66 0.64 -31.81 -20.84
CA ILE A 66 1.65 -32.85 -20.96
C ILE A 66 1.09 -33.99 -21.78
N ARG A 67 1.94 -34.61 -22.61
CA ARG A 67 1.49 -35.72 -23.42
C ARG A 67 1.11 -36.88 -22.51
N LYS A 68 0.01 -37.56 -22.86
CA LYS A 68 -0.53 -38.62 -22.02
C LYS A 68 0.48 -39.73 -21.75
N LEU A 69 1.03 -40.31 -22.81
CA LEU A 69 1.85 -41.52 -22.67
C LEU A 69 3.14 -41.30 -21.88
N PRO A 70 3.95 -40.26 -22.12
CA PRO A 70 5.14 -40.10 -21.27
C PRO A 70 4.81 -39.82 -19.81
N PHE A 71 3.74 -39.08 -19.54
CA PHE A 71 3.35 -38.85 -18.15
C PHE A 71 2.97 -40.17 -17.50
N GLN A 72 2.18 -40.98 -18.18
CA GLN A 72 1.79 -42.29 -17.66
C GLN A 72 3.02 -43.15 -17.39
N ARG A 73 3.96 -43.15 -18.34
CA ARG A 73 5.19 -43.93 -18.17
C ARG A 73 5.96 -43.47 -16.94
N LEU A 74 6.07 -42.16 -16.75
CA LEU A 74 6.75 -41.62 -15.58
C LEU A 74 6.04 -42.05 -14.29
N VAL A 75 4.72 -41.95 -14.28
CA VAL A 75 3.94 -42.34 -13.10
C VAL A 75 4.20 -43.81 -12.76
N ARG A 76 4.19 -44.67 -13.77
CA ARG A 76 4.43 -46.08 -13.51
C ARG A 76 5.85 -46.32 -13.01
N GLU A 77 6.83 -45.62 -13.58
CA GLU A 77 8.21 -45.76 -13.12
C GLU A 77 8.33 -45.38 -11.65
N ILE A 78 7.78 -44.22 -11.27
CA ILE A 78 7.85 -43.79 -9.88
C ILE A 78 7.12 -44.76 -8.97
N ALA A 79 5.93 -45.21 -9.38
CA ALA A 79 5.17 -46.14 -8.54
C ALA A 79 5.93 -47.44 -8.32
N GLN A 80 6.66 -47.92 -9.33
CA GLN A 80 7.38 -49.18 -9.21
C GLN A 80 8.40 -49.17 -8.08
N ASP A 81 8.96 -48.02 -7.75
CA ASP A 81 9.92 -47.90 -6.66
C ASP A 81 9.26 -47.86 -5.29
N PHE A 82 7.93 -47.84 -5.21
CA PHE A 82 7.24 -47.94 -3.94
C PHE A 82 6.56 -49.27 -3.69
N LYS A 83 5.88 -49.85 -4.68
CA LYS A 83 5.21 -51.13 -4.51
C LYS A 83 5.23 -51.87 -5.84
N THR A 84 5.56 -53.15 -5.78
CA THR A 84 5.65 -53.98 -6.98
C THR A 84 4.24 -54.30 -7.48
N ASP A 85 4.15 -54.57 -8.79
CA ASP A 85 2.98 -55.19 -9.40
C ASP A 85 1.75 -54.29 -9.40
N LEU A 86 1.92 -52.98 -9.23
CA LEU A 86 0.79 -52.07 -9.17
C LEU A 86 0.14 -51.95 -10.54
N ARG A 87 -1.18 -51.83 -10.55
CA ARG A 87 -1.86 -51.38 -11.74
C ARG A 87 -2.51 -50.03 -11.48
N PHE A 88 -2.98 -49.36 -12.54
CA PHE A 88 -3.57 -48.05 -12.37
C PHE A 88 -4.89 -47.93 -13.14
N GLN A 89 -5.89 -47.35 -12.49
CA GLN A 89 -7.07 -46.90 -13.22
C GLN A 89 -6.72 -45.72 -14.11
N SER A 90 -7.36 -45.65 -15.28
CA SER A 90 -7.14 -44.53 -16.20
C SER A 90 -7.38 -43.19 -15.50
N SER A 91 -8.52 -43.08 -14.81
CA SER A 91 -8.84 -41.83 -14.13
C SER A 91 -7.89 -41.50 -13.01
N ALA A 92 -7.15 -42.48 -12.49
CA ALA A 92 -6.15 -42.18 -11.46
C ALA A 92 -4.97 -41.44 -12.08
N VAL A 93 -4.56 -41.87 -13.27
CA VAL A 93 -3.48 -41.21 -13.97
C VAL A 93 -3.92 -39.83 -14.43
N MET A 94 -5.17 -39.70 -14.91
CA MET A 94 -5.64 -38.38 -15.29
C MET A 94 -5.71 -37.45 -14.08
N ALA A 95 -6.06 -37.98 -12.90
CA ALA A 95 -6.08 -37.17 -11.69
C ALA A 95 -4.68 -36.69 -11.35
N LEU A 96 -3.71 -37.62 -11.40
CA LEU A 96 -2.32 -37.27 -11.13
C LEU A 96 -1.84 -36.21 -12.10
N GLN A 97 -2.29 -36.29 -13.35
CA GLN A 97 -1.82 -35.33 -14.36
C GLN A 97 -2.42 -33.95 -14.11
N GLU A 98 -3.72 -33.90 -13.79
CA GLU A 98 -4.35 -32.63 -13.44
C GLU A 98 -3.63 -31.99 -12.26
N ALA A 99 -3.34 -32.80 -11.23
CA ALA A 99 -2.65 -32.28 -10.06
C ALA A 99 -1.27 -31.77 -10.39
N CYS A 100 -0.51 -32.51 -11.20
CA CYS A 100 0.84 -32.09 -11.52
C CYS A 100 0.84 -30.78 -12.29
N GLU A 101 -0.02 -30.66 -13.31
CA GLU A 101 -0.01 -29.43 -14.09
C GLU A 101 -0.55 -28.25 -13.30
N ALA A 102 -1.59 -28.45 -12.48
CA ALA A 102 -2.05 -27.34 -11.64
C ALA A 102 -0.94 -26.88 -10.69
N TYR A 103 -0.20 -27.83 -10.11
CA TYR A 103 0.88 -27.49 -9.21
C TYR A 103 1.97 -26.70 -9.94
N LEU A 104 2.35 -27.19 -11.12
CA LEU A 104 3.41 -26.52 -11.89
C LEU A 104 2.98 -25.14 -12.35
N VAL A 105 1.74 -24.99 -12.84
CA VAL A 105 1.28 -23.67 -13.26
C VAL A 105 1.32 -22.70 -12.08
N GLY A 106 0.82 -23.12 -10.90
CA GLY A 106 0.89 -22.21 -9.76
C GLY A 106 2.31 -21.88 -9.35
N LEU A 107 3.20 -22.87 -9.34
CA LEU A 107 4.60 -22.63 -8.99
C LEU A 107 5.24 -21.68 -10.00
N PHE A 108 4.89 -21.81 -11.27
CA PHE A 108 5.44 -20.95 -12.30
C PHE A 108 4.88 -19.54 -12.21
N GLU A 109 3.63 -19.39 -11.76
CA GLU A 109 3.08 -18.08 -11.47
C GLU A 109 3.94 -17.40 -10.40
N ASP A 110 4.22 -18.12 -9.33
CA ASP A 110 4.99 -17.53 -8.24
C ASP A 110 6.41 -17.23 -8.72
N THR A 111 7.00 -18.15 -9.49
CA THR A 111 8.31 -17.92 -10.08
C THR A 111 8.33 -16.64 -10.91
N ASN A 112 7.29 -16.40 -11.71
CA ASN A 112 7.22 -15.17 -12.50
C ASN A 112 7.18 -13.94 -11.61
N LEU A 113 6.41 -14.01 -10.52
CA LEU A 113 6.40 -12.87 -9.59
C LEU A 113 7.78 -12.65 -8.99
N CYS A 114 8.50 -13.74 -8.73
CA CYS A 114 9.85 -13.63 -8.17
C CYS A 114 10.81 -13.01 -9.18
N ALA A 115 10.69 -13.40 -10.45
CA ALA A 115 11.54 -12.81 -11.49
C ALA A 115 11.30 -11.31 -11.60
N ILE A 116 10.03 -10.91 -11.67
CA ILE A 116 9.69 -9.49 -11.76
C ILE A 116 10.19 -8.74 -10.53
N HIS A 117 10.10 -9.37 -9.36
CA HIS A 117 10.61 -8.75 -8.14
C HIS A 117 12.06 -8.33 -8.29
N ALA A 118 12.88 -9.13 -8.98
CA ALA A 118 14.28 -8.79 -9.18
C ALA A 118 14.50 -7.91 -10.40
N LYS A 119 13.44 -7.24 -10.87
CA LYS A 119 13.47 -6.37 -12.04
C LYS A 119 13.93 -7.11 -13.28
N ARG A 120 13.65 -8.39 -13.36
CA ARG A 120 13.87 -9.20 -14.54
C ARG A 120 12.54 -9.61 -15.15
N VAL A 121 12.61 -10.15 -16.37
CA VAL A 121 11.45 -10.71 -17.03
C VAL A 121 11.66 -12.18 -17.38
N THR A 122 12.84 -12.73 -17.07
CA THR A 122 13.21 -14.11 -17.37
C THR A 122 13.28 -14.89 -16.07
N ILE A 123 12.55 -15.98 -15.98
CA ILE A 123 12.60 -16.81 -14.79
C ILE A 123 13.82 -17.72 -14.84
N MET A 124 14.43 -17.93 -13.69
CA MET A 124 15.67 -18.69 -13.55
C MET A 124 15.52 -19.67 -12.41
N PRO A 125 16.38 -20.69 -12.35
CA PRO A 125 16.29 -21.67 -11.24
C PRO A 125 16.27 -21.06 -9.84
N LYS A 126 17.06 -20.01 -9.59
CA LYS A 126 17.05 -19.42 -8.25
C LYS A 126 15.67 -18.86 -7.90
N ASP A 127 14.90 -18.45 -8.90
CA ASP A 127 13.54 -18.01 -8.66
C ASP A 127 12.67 -19.16 -8.18
N ILE A 128 12.76 -20.30 -8.87
CA ILE A 128 12.02 -21.49 -8.45
C ILE A 128 12.40 -21.89 -7.04
N GLN A 129 13.71 -21.88 -6.73
CA GLN A 129 14.11 -22.33 -5.40
C GLN A 129 13.63 -21.37 -4.32
N LEU A 130 13.63 -20.07 -4.59
CA LEU A 130 13.09 -19.12 -3.61
C LEU A 130 11.59 -19.32 -3.43
N ALA A 131 10.85 -19.48 -4.53
CA ALA A 131 9.41 -19.67 -4.44
C ALA A 131 9.10 -20.91 -3.62
N ARG A 132 9.84 -21.99 -3.85
CA ARG A 132 9.60 -23.23 -3.14
C ARG A 132 10.00 -23.12 -1.68
N ARG A 133 11.06 -22.37 -1.39
CA ARG A 133 11.46 -22.16 0.00
C ARG A 133 10.40 -21.37 0.75
N ILE A 134 9.84 -20.33 0.13
CA ILE A 134 8.85 -19.54 0.84
C ILE A 134 7.54 -20.31 0.96
N ARG A 135 7.21 -21.14 -0.02
CA ARG A 135 6.05 -22.01 0.11
C ARG A 135 6.21 -23.03 1.23
N GLY A 136 7.45 -23.29 1.65
CA GLY A 136 7.71 -24.31 2.64
C GLY A 136 8.00 -25.68 2.08
N GLU A 137 8.31 -25.78 0.80
CA GLU A 137 8.70 -27.04 0.19
C GLU A 137 10.20 -27.30 0.39
N ASN B 29 12.68 -41.89 -17.67
CA ASN B 29 11.32 -41.51 -18.05
C ASN B 29 11.07 -40.04 -17.75
N ILE B 30 11.89 -39.47 -16.85
CA ILE B 30 11.73 -38.06 -16.51
C ILE B 30 12.01 -37.19 -17.72
N GLN B 31 12.81 -37.68 -18.67
CA GLN B 31 13.11 -36.91 -19.86
C GLN B 31 11.93 -36.87 -20.83
N GLY B 32 10.91 -37.69 -20.56
CA GLY B 32 9.68 -37.67 -21.34
C GLY B 32 8.82 -36.45 -21.09
N ILE B 33 9.07 -35.76 -19.97
CA ILE B 33 8.44 -34.46 -19.72
C ILE B 33 9.27 -33.47 -20.53
N THR B 34 8.85 -33.23 -21.78
CA THR B 34 9.71 -32.56 -22.74
C THR B 34 9.80 -31.06 -22.46
N LYS B 35 10.81 -30.46 -23.08
CA LYS B 35 10.98 -29.00 -23.01
C LYS B 35 9.75 -28.22 -23.46
N PRO B 36 9.11 -28.54 -24.59
CA PRO B 36 7.92 -27.76 -24.98
C PRO B 36 6.75 -27.92 -24.03
N ALA B 37 6.65 -29.06 -23.33
CA ALA B 37 5.56 -29.21 -22.37
C ALA B 37 5.77 -28.27 -21.20
N ILE B 38 7.00 -28.19 -20.70
CA ILE B 38 7.30 -27.29 -19.59
C ILE B 38 7.10 -25.85 -20.03
N ARG B 39 7.49 -25.53 -21.27
CA ARG B 39 7.21 -24.19 -21.81
C ARG B 39 5.72 -23.89 -21.81
N ARG B 40 4.89 -24.85 -22.24
CA ARG B 40 3.45 -24.61 -22.26
C ARG B 40 2.91 -24.40 -20.85
N LEU B 41 3.36 -25.23 -19.90
CA LEU B 41 2.97 -25.04 -18.50
C LEU B 41 3.35 -23.65 -18.02
N ALA B 42 4.53 -23.17 -18.39
CA ALA B 42 4.98 -21.85 -17.98
C ALA B 42 4.14 -20.76 -18.63
N ARG B 43 3.78 -20.96 -19.90
CA ARG B 43 2.90 -20.04 -20.60
C ARG B 43 1.57 -19.90 -19.87
N ARG B 44 0.99 -21.01 -19.44
CA ARG B 44 -0.25 -20.92 -18.66
C ARG B 44 -0.02 -20.16 -17.36
N GLY B 45 1.18 -20.25 -16.80
CA GLY B 45 1.50 -19.46 -15.63
C GLY B 45 1.84 -18.03 -15.90
N GLY B 46 1.83 -17.60 -17.16
CA GLY B 46 2.03 -16.21 -17.50
C GLY B 46 3.47 -15.81 -17.73
N VAL B 47 4.36 -16.77 -17.88
CA VAL B 47 5.79 -16.52 -18.01
C VAL B 47 6.13 -16.23 -19.47
N LYS B 48 6.89 -15.16 -19.70
CA LYS B 48 7.23 -14.66 -21.03
C LYS B 48 8.60 -15.12 -21.51
N ARG B 49 9.56 -15.32 -20.61
CA ARG B 49 10.93 -15.68 -20.96
C ARG B 49 11.43 -16.76 -20.01
N ILE B 50 12.21 -17.72 -20.53
CA ILE B 50 12.53 -18.94 -19.82
C ILE B 50 14.01 -19.25 -19.96
N SER B 51 14.72 -19.33 -18.83
CA SER B 51 16.12 -19.72 -18.86
C SER B 51 16.26 -21.16 -19.32
N GLY B 52 17.35 -21.45 -20.03
CA GLY B 52 17.57 -22.82 -20.49
C GLY B 52 17.68 -23.83 -19.37
N LEU B 53 18.12 -23.40 -18.19
CA LEU B 53 18.32 -24.28 -17.06
C LEU B 53 17.03 -24.61 -16.31
N ILE B 54 15.93 -23.91 -16.62
CA ILE B 54 14.67 -24.13 -15.92
C ILE B 54 14.19 -25.56 -16.11
N TYR B 55 14.31 -26.08 -17.33
CA TYR B 55 13.66 -27.35 -17.66
C TYR B 55 14.14 -28.48 -16.78
N GLU B 56 15.45 -28.66 -16.66
CA GLU B 56 15.94 -29.73 -15.79
C GLU B 56 15.48 -29.48 -14.36
N GLU B 57 15.52 -28.22 -13.93
CA GLU B 57 15.11 -27.92 -12.56
C GLU B 57 13.66 -28.30 -12.40
N THR B 58 12.83 -27.94 -13.37
CA THR B 58 11.41 -28.23 -13.26
C THR B 58 11.20 -29.72 -13.16
N ARG B 59 11.98 -30.49 -13.94
CA ARG B 59 11.78 -31.92 -13.94
C ARG B 59 12.05 -32.47 -12.55
N GLY B 60 13.12 -31.98 -11.92
CA GLY B 60 13.43 -32.45 -10.59
C GLY B 60 12.28 -32.16 -9.66
N VAL B 61 11.77 -30.93 -9.72
CA VAL B 61 10.67 -30.55 -8.84
C VAL B 61 9.50 -31.48 -9.07
N LEU B 62 9.18 -31.75 -10.34
CA LEU B 62 8.02 -32.58 -10.62
C LEU B 62 8.21 -33.94 -9.99
N LYS B 63 9.42 -34.50 -10.12
CA LYS B 63 9.62 -35.85 -9.61
C LYS B 63 9.34 -35.87 -8.13
N VAL B 64 9.84 -34.86 -7.41
CA VAL B 64 9.65 -34.85 -5.96
C VAL B 64 8.17 -34.83 -5.66
N PHE B 65 7.42 -33.94 -6.34
CA PHE B 65 6.00 -33.85 -6.06
C PHE B 65 5.37 -35.21 -6.26
N LEU B 66 5.66 -35.83 -7.41
CA LEU B 66 4.98 -37.06 -7.73
C LEU B 66 5.30 -38.09 -6.66
N GLU B 67 6.59 -38.20 -6.32
CA GLU B 67 6.99 -39.20 -5.33
C GLU B 67 6.13 -39.03 -4.09
N ASN B 68 6.06 -37.81 -3.57
CA ASN B 68 5.36 -37.62 -2.32
C ASN B 68 3.92 -38.06 -2.47
N VAL B 69 3.24 -37.55 -3.51
CA VAL B 69 1.84 -37.87 -3.65
C VAL B 69 1.69 -39.36 -3.83
N ILE B 70 2.53 -39.94 -4.69
CA ILE B 70 2.35 -41.35 -5.03
C ILE B 70 2.63 -42.18 -3.80
N ARG B 71 3.62 -41.76 -3.00
CA ARG B 71 3.92 -42.50 -1.78
C ARG B 71 2.67 -42.63 -0.93
N ASP B 72 1.94 -41.53 -0.75
CA ASP B 72 0.71 -41.65 0.03
C ASP B 72 -0.33 -42.48 -0.72
N ALA B 73 -0.48 -42.23 -2.03
CA ALA B 73 -1.53 -42.90 -2.79
C ALA B 73 -1.37 -44.41 -2.73
N VAL B 74 -0.15 -44.90 -2.96
CA VAL B 74 0.06 -46.33 -2.99
C VAL B 74 -0.16 -46.90 -1.60
N THR B 75 0.20 -46.13 -0.58
CA THR B 75 -0.02 -46.57 0.79
C THR B 75 -1.51 -46.83 1.02
N TYR B 76 -2.36 -45.92 0.55
CA TYR B 76 -3.80 -46.14 0.72
C TYR B 76 -4.20 -47.44 0.05
N THR B 77 -3.70 -47.69 -1.16
CA THR B 77 -4.05 -48.91 -1.87
C THR B 77 -3.67 -50.12 -1.02
N GLU B 78 -2.51 -50.05 -0.38
CA GLU B 78 -2.03 -51.19 0.37
C GLU B 78 -2.88 -51.42 1.62
N HIS B 79 -3.34 -50.35 2.27
CA HIS B 79 -4.16 -50.57 3.46
C HIS B 79 -5.44 -51.32 3.11
N ALA B 80 -6.01 -51.03 1.94
CA ALA B 80 -7.24 -51.66 1.49
C ALA B 80 -7.00 -53.05 0.91
N LYS B 81 -5.75 -53.50 0.93
CA LYS B 81 -5.34 -54.79 0.34
C LYS B 81 -5.76 -54.89 -1.12
N ARG B 82 -5.50 -53.82 -1.87
CA ARG B 82 -5.78 -53.81 -3.30
C ARG B 82 -4.46 -53.74 -4.07
N LYS B 83 -4.51 -54.09 -5.35
CA LYS B 83 -3.37 -53.98 -6.24
C LYS B 83 -3.54 -52.92 -7.32
N THR B 84 -4.68 -52.22 -7.35
CA THR B 84 -4.97 -51.20 -8.36
C THR B 84 -5.10 -49.85 -7.68
N VAL B 85 -4.24 -48.91 -8.05
CA VAL B 85 -4.37 -47.54 -7.56
C VAL B 85 -5.63 -46.92 -8.16
N THR B 86 -6.53 -46.43 -7.32
CA THR B 86 -7.77 -45.82 -7.76
C THR B 86 -7.68 -44.30 -7.76
N ALA B 87 -8.64 -43.67 -8.43
CA ALA B 87 -8.77 -42.22 -8.42
C ALA B 87 -8.93 -41.69 -6.99
N MET B 88 -9.65 -42.44 -6.15
CA MET B 88 -9.86 -41.97 -4.79
C MET B 88 -8.56 -41.95 -4.00
N ASP B 89 -7.69 -42.93 -4.22
CA ASP B 89 -6.38 -42.91 -3.56
C ASP B 89 -5.59 -41.64 -3.87
N VAL B 90 -5.55 -41.26 -5.15
CA VAL B 90 -4.80 -40.07 -5.53
C VAL B 90 -5.45 -38.81 -4.96
N VAL B 91 -6.77 -38.71 -5.08
CA VAL B 91 -7.50 -37.54 -4.56
C VAL B 91 -7.28 -37.42 -3.06
N TYR B 92 -7.35 -38.54 -2.35
CA TYR B 92 -7.13 -38.57 -0.91
C TYR B 92 -5.71 -38.15 -0.55
N ALA B 93 -4.72 -38.63 -1.31
CA ALA B 93 -3.34 -38.23 -1.07
C ALA B 93 -3.20 -36.72 -1.21
N LEU B 94 -3.78 -36.17 -2.27
CA LEU B 94 -3.68 -34.74 -2.51
C LEU B 94 -4.35 -33.98 -1.38
N LYS B 95 -5.52 -34.44 -0.95
CA LYS B 95 -6.23 -33.79 0.15
C LYS B 95 -5.36 -33.79 1.41
N ARG B 96 -4.76 -34.94 1.75
CA ARG B 96 -3.99 -35.01 2.98
C ARG B 96 -2.65 -34.29 2.84
N GLN B 97 -2.28 -33.90 1.63
CA GLN B 97 -1.11 -33.07 1.40
C GLN B 97 -1.51 -31.61 1.22
N GLY B 98 -2.75 -31.26 1.52
CA GLY B 98 -3.21 -29.89 1.42
C GLY B 98 -3.38 -29.40 0.00
N ARG B 99 -3.61 -30.30 -0.95
CA ARG B 99 -3.78 -29.95 -2.36
C ARG B 99 -5.07 -30.56 -2.89
N THR B 100 -6.14 -30.37 -2.14
CA THR B 100 -7.44 -30.96 -2.46
C THR B 100 -7.82 -30.72 -3.92
N LEU B 101 -8.25 -31.79 -4.59
CA LEU B 101 -8.58 -31.76 -6.01
C LEU B 101 -10.07 -32.04 -6.18
N TYR B 102 -10.77 -31.16 -6.89
CA TYR B 102 -12.19 -31.32 -7.15
C TYR B 102 -12.39 -31.99 -8.50
N GLY B 103 -13.41 -32.83 -8.59
CA GLY B 103 -13.90 -33.31 -9.87
C GLY B 103 -13.72 -34.78 -10.15
N PHE B 104 -13.06 -35.55 -9.27
CA PHE B 104 -12.87 -36.98 -9.51
C PHE B 104 -13.52 -37.83 -8.42
N GLY B 105 -14.47 -37.27 -7.69
CA GLY B 105 -15.16 -38.00 -6.64
C GLY B 105 -15.96 -39.18 -7.16
N THR C 20 -0.93 -54.18 34.10
CA THR C 20 -1.38 -53.16 33.16
C THR C 20 -1.00 -53.54 31.74
N ARG C 21 -1.77 -53.04 30.76
CA ARG C 21 -1.48 -53.34 29.37
C ARG C 21 -0.17 -52.70 28.92
N SER C 22 0.16 -51.53 29.46
CA SER C 22 1.44 -50.89 29.13
C SER C 22 2.61 -51.78 29.54
N SER C 23 2.53 -52.38 30.72
CA SER C 23 3.57 -53.29 31.17
C SER C 23 3.63 -54.55 30.31
N ARG C 24 2.46 -55.08 29.94
CA ARG C 24 2.42 -56.24 29.04
C ARG C 24 3.05 -55.92 27.70
N ALA C 25 2.97 -54.67 27.25
CA ALA C 25 3.51 -54.28 25.96
C ALA C 25 4.92 -53.72 26.07
N GLY C 26 5.43 -53.54 27.28
CA GLY C 26 6.75 -53.00 27.50
C GLY C 26 6.90 -51.51 27.29
N LEU C 27 5.84 -50.74 27.55
CA LEU C 27 5.79 -49.32 27.25
C LEU C 27 5.72 -48.51 28.55
N GLN C 28 6.02 -47.22 28.41
CA GLN C 28 5.87 -46.27 29.50
C GLN C 28 4.61 -45.43 29.39
N PHE C 29 4.16 -45.14 28.17
CA PHE C 29 2.95 -44.37 27.96
C PHE C 29 1.71 -45.22 28.26
N PRO C 30 0.64 -44.59 28.73
CA PRO C 30 -0.50 -45.35 29.27
C PRO C 30 -1.42 -45.89 28.18
N VAL C 31 -1.33 -47.19 27.93
CA VAL C 31 -2.15 -47.80 26.88
C VAL C 31 -3.62 -47.68 27.23
N GLY C 32 -3.97 -47.95 28.48
CA GLY C 32 -5.36 -47.85 28.92
C GLY C 32 -5.93 -46.46 28.67
N ARG C 33 -5.16 -45.44 29.05
CA ARG C 33 -5.62 -44.06 28.88
C ARG C 33 -5.81 -43.72 27.40
N VAL C 34 -4.86 -44.11 26.56
CA VAL C 34 -4.99 -43.87 25.12
C VAL C 34 -6.21 -44.57 24.57
N HIS C 35 -6.47 -45.79 25.03
CA HIS C 35 -7.65 -46.53 24.61
C HIS C 35 -8.92 -45.78 25.00
N ARG C 36 -8.97 -45.27 26.24
CA ARG C 36 -10.14 -44.52 26.67
C ARG C 36 -10.34 -43.28 25.82
N LEU C 37 -9.25 -42.58 25.49
CA LEU C 37 -9.38 -41.37 24.69
C LEU C 37 -9.85 -41.72 23.28
N LEU C 38 -9.43 -42.89 22.78
CA LEU C 38 -9.91 -43.35 21.49
C LEU C 38 -11.40 -43.66 21.56
N ARG C 39 -11.86 -44.31 22.64
CA ARG C 39 -13.30 -44.59 22.74
C ARG C 39 -14.10 -43.30 22.79
N LYS C 40 -13.59 -42.29 23.49
CA LYS C 40 -14.37 -41.08 23.72
C LYS C 40 -14.06 -39.94 22.77
N GLY C 41 -13.17 -40.13 21.81
CA GLY C 41 -12.86 -39.09 20.85
C GLY C 41 -13.73 -39.13 19.61
N ASN C 42 -14.69 -40.05 19.59
CA ASN C 42 -15.61 -40.25 18.47
C ASN C 42 -14.88 -40.41 17.13
N TYR C 43 -13.94 -41.34 17.09
CA TYR C 43 -13.21 -41.59 15.85
C TYR C 43 -13.81 -42.75 15.06
N SER C 44 -14.32 -43.77 15.76
CA SER C 44 -14.98 -44.89 15.13
C SER C 44 -15.87 -45.57 16.17
N GLU C 45 -16.81 -46.37 15.68
CA GLU C 45 -17.70 -47.08 16.59
C GLU C 45 -16.95 -48.15 17.38
N ARG C 46 -15.92 -48.77 16.79
CA ARG C 46 -15.19 -49.83 17.46
C ARG C 46 -13.69 -49.57 17.33
N VAL C 47 -12.94 -50.05 18.33
CA VAL C 47 -11.49 -49.87 18.38
C VAL C 47 -10.85 -51.21 18.72
N GLY C 48 -9.92 -51.65 17.88
CA GLY C 48 -9.25 -52.91 18.12
C GLY C 48 -8.34 -52.88 19.33
N ALA C 49 -8.04 -54.07 19.85
CA ALA C 49 -7.25 -54.17 21.07
C ALA C 49 -5.80 -53.77 20.83
N GLY C 50 -5.29 -53.96 19.61
CA GLY C 50 -3.90 -53.62 19.31
C GLY C 50 -3.66 -52.17 18.99
N ALA C 51 -4.71 -51.45 18.60
CA ALA C 51 -4.55 -50.07 18.15
C ALA C 51 -3.98 -49.14 19.22
N PRO C 52 -4.47 -49.13 20.46
CA PRO C 52 -3.88 -48.20 21.44
C PRO C 52 -2.48 -48.57 21.84
N VAL C 53 -2.10 -49.85 21.75
CA VAL C 53 -0.71 -50.22 22.05
C VAL C 53 0.23 -49.62 21.01
N TYR C 54 -0.10 -49.83 19.74
CA TYR C 54 0.69 -49.27 18.64
C TYR C 54 0.79 -47.75 18.76
N LEU C 55 -0.38 -47.10 18.91
CA LEU C 55 -0.40 -45.64 19.01
C LEU C 55 0.45 -45.15 20.18
N ALA C 56 0.30 -45.79 21.35
CA ALA C 56 1.07 -45.39 22.51
C ALA C 56 2.56 -45.57 22.25
N ALA C 57 2.93 -46.66 21.56
CA ALA C 57 4.33 -46.91 21.27
C ALA C 57 4.89 -45.84 20.35
N VAL C 58 4.13 -45.44 19.33
CA VAL C 58 4.59 -44.40 18.41
C VAL C 58 4.75 -43.07 19.14
N LEU C 59 3.76 -42.72 19.96
CA LEU C 59 3.84 -41.47 20.72
C LEU C 59 5.06 -41.48 21.64
N GLU C 60 5.30 -42.63 22.29
CA GLU C 60 6.44 -42.77 23.18
C GLU C 60 7.74 -42.62 22.42
N TYR C 61 7.84 -43.28 21.26
CA TYR C 61 9.05 -43.16 20.46
C TYR C 61 9.32 -41.71 20.07
N LEU C 62 8.29 -41.00 19.59
CA LEU C 62 8.53 -39.63 19.15
C LEU C 62 8.93 -38.74 20.33
N THR C 63 8.29 -38.95 21.48
CA THR C 63 8.68 -38.24 22.69
C THR C 63 10.13 -38.52 23.02
N ALA C 64 10.55 -39.78 22.91
CA ALA C 64 11.92 -40.16 23.22
C ALA C 64 12.90 -39.50 22.26
N GLU C 65 12.54 -39.42 20.98
CA GLU C 65 13.45 -38.82 20.01
C GLU C 65 13.63 -37.33 20.27
N ILE C 66 12.52 -36.62 20.51
CA ILE C 66 12.63 -35.20 20.80
C ILE C 66 13.40 -34.97 22.09
N LEU C 67 13.13 -35.77 23.12
CA LEU C 67 13.83 -35.58 24.38
C LEU C 67 15.31 -35.91 24.26
N GLU C 68 15.65 -36.94 23.47
CA GLU C 68 17.04 -37.26 23.19
C GLU C 68 17.77 -36.09 22.54
N LEU C 69 17.20 -35.56 21.45
CA LEU C 69 17.86 -34.45 20.77
C LEU C 69 17.93 -33.21 21.67
N ALA C 70 16.87 -32.94 22.41
CA ALA C 70 16.86 -31.78 23.28
C ALA C 70 17.88 -31.92 24.39
N GLY C 71 18.02 -33.13 24.94
CA GLY C 71 19.06 -33.37 25.92
C GLY C 71 20.45 -33.14 25.35
N ASN C 72 20.69 -33.66 24.15
CA ASN C 72 21.97 -33.40 23.48
C ASN C 72 22.23 -31.90 23.39
N ALA C 73 21.23 -31.14 22.93
CA ALA C 73 21.39 -29.69 22.81
C ALA C 73 21.65 -29.06 24.18
N ALA C 74 20.94 -29.53 25.20
CA ALA C 74 21.08 -29.01 26.55
C ALA C 74 22.49 -29.20 27.06
N ARG C 75 23.06 -30.39 26.81
CA ARG C 75 24.43 -30.64 27.23
C ARG C 75 25.40 -29.80 26.43
N ASP C 76 25.13 -29.58 25.14
CA ASP C 76 25.96 -28.67 24.36
C ASP C 76 25.98 -27.28 24.97
N ASN C 77 24.89 -26.87 25.62
CA ASN C 77 24.80 -25.53 26.21
C ASN C 77 25.18 -25.56 27.69
N LYS C 78 25.71 -26.68 28.18
CA LYS C 78 26.04 -26.87 29.59
C LYS C 78 24.89 -26.57 30.55
N LYS C 79 23.68 -26.93 30.16
CA LYS C 79 22.52 -26.83 31.04
C LYS C 79 22.01 -28.22 31.41
N THR C 80 21.59 -28.38 32.66
CA THR C 80 21.03 -29.65 33.09
C THR C 80 19.51 -29.71 33.02
N ARG C 81 18.82 -28.59 32.85
CA ARG C 81 17.37 -28.58 32.72
C ARG C 81 16.96 -28.20 31.32
N ILE C 82 16.10 -29.01 30.71
CA ILE C 82 15.55 -28.72 29.39
C ILE C 82 14.56 -27.57 29.46
N ILE C 83 14.77 -26.54 28.63
CA ILE C 83 13.84 -25.42 28.51
C ILE C 83 13.36 -25.37 27.07
N PRO C 84 12.31 -24.58 26.75
CA PRO C 84 11.82 -24.52 25.37
C PRO C 84 12.85 -24.24 24.28
N ARG C 85 13.87 -23.42 24.57
CA ARG C 85 14.91 -23.16 23.58
C ARG C 85 15.56 -24.45 23.06
N HIS C 86 15.87 -25.37 23.97
CA HIS C 86 16.46 -26.64 23.54
C HIS C 86 15.48 -27.44 22.70
N LEU C 87 14.18 -27.36 22.99
CA LEU C 87 13.21 -28.06 22.16
C LEU C 87 13.21 -27.49 20.74
N GLN C 88 13.28 -26.17 20.63
CA GLN C 88 13.30 -25.56 19.30
C GLN C 88 14.57 -25.93 18.55
N LEU C 89 15.71 -25.85 19.22
CA LEU C 89 16.96 -26.25 18.60
C LEU C 89 16.92 -27.70 18.13
N ALA C 90 16.46 -28.59 18.99
CA ALA C 90 16.37 -30.02 18.65
C ALA C 90 15.45 -30.26 17.45
N ILE C 91 14.28 -29.63 17.45
CA ILE C 91 13.31 -29.89 16.40
C ILE C 91 13.75 -29.30 15.06
N ARG C 92 14.16 -28.03 15.06
CA ARG C 92 14.49 -27.37 13.79
C ARG C 92 15.83 -27.82 13.21
N ASN C 93 16.76 -28.29 14.03
CA ASN C 93 18.03 -28.76 13.50
C ASN C 93 17.97 -30.19 13.00
N ASP C 94 16.83 -30.86 13.10
CA ASP C 94 16.65 -32.21 12.60
C ASP C 94 15.60 -32.16 11.50
N GLU C 95 16.00 -32.54 10.29
CA GLU C 95 15.18 -32.35 9.09
C GLU C 95 13.81 -33.01 9.21
N GLU C 96 13.74 -34.21 9.77
CA GLU C 96 12.48 -34.95 9.78
C GLU C 96 11.53 -34.43 10.86
N LEU C 97 12.04 -34.06 12.04
CA LEU C 97 11.17 -33.43 13.02
C LEU C 97 10.71 -32.06 12.53
N ASN C 98 11.61 -31.31 11.88
CA ASN C 98 11.23 -30.01 11.34
C ASN C 98 10.13 -30.17 10.30
N LYS C 99 10.21 -31.22 9.47
CA LYS C 99 9.14 -31.51 8.52
C LYS C 99 7.85 -31.82 9.24
N LEU C 100 7.90 -32.72 10.23
CA LEU C 100 6.69 -33.09 10.96
C LEU C 100 6.04 -31.88 11.63
N LEU C 101 6.86 -30.97 12.15
CA LEU C 101 6.39 -29.79 12.87
C LEU C 101 6.61 -28.50 12.08
N GLY C 102 6.42 -28.58 10.77
CA GLY C 102 6.66 -27.44 9.90
C GLY C 102 5.77 -26.24 10.19
N ARG C 103 4.54 -26.47 10.65
CA ARG C 103 3.59 -25.40 10.93
C ARG C 103 3.31 -25.27 12.42
N VAL C 104 4.32 -25.47 13.26
CA VAL C 104 4.16 -25.44 14.70
C VAL C 104 5.05 -24.36 15.29
N THR C 105 4.49 -23.58 16.21
CA THR C 105 5.25 -22.57 16.96
C THR C 105 5.56 -23.11 18.34
N ILE C 106 6.85 -23.18 18.68
CA ILE C 106 7.27 -23.55 20.01
C ILE C 106 7.39 -22.26 20.84
N ALA C 107 6.49 -22.10 21.80
CA ALA C 107 6.48 -20.92 22.65
C ALA C 107 7.80 -20.78 23.39
N GLN C 108 8.30 -19.54 23.44
CA GLN C 108 9.58 -19.22 24.09
C GLN C 108 10.75 -20.00 23.48
N GLY C 109 10.62 -20.36 22.21
CA GLY C 109 11.65 -21.10 21.52
C GLY C 109 12.74 -20.28 20.83
N GLY C 110 12.40 -19.06 20.42
CA GLY C 110 13.31 -18.26 19.60
C GLY C 110 13.52 -18.87 18.23
N VAL C 111 14.64 -18.50 17.59
CA VAL C 111 14.98 -19.01 16.27
C VAL C 111 16.42 -19.51 16.27
N LEU C 112 16.77 -20.24 15.21
CA LEU C 112 18.14 -20.67 14.99
C LEU C 112 19.01 -19.49 14.58
N PRO C 113 20.21 -19.38 15.12
CA PRO C 113 21.14 -18.35 14.62
C PRO C 113 21.43 -18.59 13.14
N ASN C 114 21.17 -17.57 12.32
CA ASN C 114 21.38 -17.74 10.88
C ASN C 114 21.38 -16.39 10.17
N ILE C 115 22.52 -16.01 9.60
CA ILE C 115 22.67 -14.77 8.85
C ILE C 115 23.08 -15.11 7.42
N GLN C 116 22.33 -14.59 6.45
CA GLN C 116 22.68 -14.83 5.05
C GLN C 116 24.08 -14.27 4.79
N ALA C 117 24.91 -15.07 4.12
CA ALA C 117 26.32 -14.73 3.93
C ALA C 117 26.57 -13.39 3.26
N VAL C 118 25.72 -12.97 2.31
CA VAL C 118 26.00 -11.71 1.62
C VAL C 118 25.91 -10.47 2.51
N LEU C 119 25.26 -10.55 3.68
CA LEU C 119 25.15 -9.36 4.51
C LEU C 119 26.36 -9.15 5.39
N LEU C 120 27.21 -10.16 5.56
CA LEU C 120 28.35 -10.02 6.45
C LEU C 120 29.43 -9.18 5.78
N PRO C 121 30.28 -8.49 6.56
CA PRO C 121 31.34 -7.67 5.97
C PRO C 121 32.38 -8.48 5.19
N SER D 36 -11.34 -30.89 41.13
CA SER D 36 -10.50 -30.38 40.06
C SER D 36 -9.40 -31.37 39.70
N ARG D 37 -9.72 -32.33 38.83
CA ARG D 37 -8.79 -33.37 38.40
C ARG D 37 -8.48 -33.13 36.93
N LYS D 38 -7.23 -32.80 36.63
CA LYS D 38 -6.77 -32.56 35.26
C LYS D 38 -5.67 -33.56 34.94
N GLU D 39 -5.93 -34.42 33.95
CA GLU D 39 -4.97 -35.44 33.56
C GLU D 39 -3.96 -34.87 32.57
N SER D 40 -2.74 -35.40 32.61
CA SER D 40 -1.75 -35.04 31.61
C SER D 40 -0.74 -36.18 31.45
N TYR D 41 0.16 -36.00 30.48
CA TYR D 41 1.21 -36.94 30.15
C TYR D 41 2.52 -36.65 30.87
N SER D 42 2.52 -35.73 31.84
CA SER D 42 3.76 -35.25 32.45
C SER D 42 4.64 -36.38 32.98
N ILE D 43 4.05 -37.32 33.72
CA ILE D 43 4.86 -38.37 34.33
C ILE D 43 5.47 -39.29 33.28
N TYR D 44 4.78 -39.50 32.16
CA TYR D 44 5.33 -40.39 31.14
C TYR D 44 6.46 -39.70 30.37
N VAL D 45 6.29 -38.41 30.08
CA VAL D 45 7.37 -37.65 29.46
C VAL D 45 8.59 -37.66 30.37
N TYR D 46 8.36 -37.49 31.67
CA TYR D 46 9.50 -37.46 32.60
C TYR D 46 10.19 -38.81 32.69
N LYS D 47 9.40 -39.90 32.70
CA LYS D 47 10.01 -41.23 32.72
C LYS D 47 10.84 -41.47 31.47
N VAL D 48 10.33 -41.08 30.30
CA VAL D 48 11.11 -41.21 29.08
C VAL D 48 12.39 -40.37 29.16
N LEU D 49 12.28 -39.14 29.64
CA LEU D 49 13.46 -38.29 29.81
C LEU D 49 14.51 -38.96 30.68
N LYS D 50 14.09 -39.54 31.81
CA LYS D 50 15.02 -40.26 32.67
C LYS D 50 15.60 -41.49 31.99
N GLN D 51 14.86 -42.10 31.08
CA GLN D 51 15.42 -43.19 30.29
C GLN D 51 16.52 -42.69 29.36
N VAL D 52 16.29 -41.58 28.68
CA VAL D 52 17.24 -41.13 27.66
C VAL D 52 18.33 -40.22 28.23
N HIS D 53 18.05 -39.46 29.28
CA HIS D 53 19.04 -38.58 29.90
C HIS D 53 18.89 -38.63 31.41
N PRO D 54 19.49 -39.65 32.06
CA PRO D 54 19.25 -39.88 33.49
C PRO D 54 19.49 -38.71 34.44
N ASP D 55 20.45 -37.81 34.19
CA ASP D 55 20.73 -36.74 35.13
C ASP D 55 20.27 -35.36 34.64
N THR D 56 19.31 -35.31 33.72
CA THR D 56 18.80 -34.07 33.16
C THR D 56 17.35 -33.87 33.57
N GLY D 57 16.98 -32.65 33.90
CA GLY D 57 15.61 -32.32 34.24
C GLY D 57 14.91 -31.56 33.12
N ILE D 58 13.77 -30.97 33.48
CA ILE D 58 12.98 -30.24 32.49
C ILE D 58 12.09 -29.23 33.20
N SER D 59 11.99 -28.04 32.61
CA SER D 59 11.18 -26.96 33.15
C SER D 59 9.70 -27.21 32.90
N SER D 60 8.87 -26.47 33.64
CA SER D 60 7.42 -26.59 33.49
C SER D 60 6.96 -26.18 32.09
N LYS D 61 7.51 -25.09 31.57
CA LYS D 61 7.15 -24.65 30.22
C LYS D 61 7.48 -25.73 29.18
N ALA D 62 8.65 -26.34 29.30
CA ALA D 62 9.02 -27.38 28.36
C ALA D 62 8.10 -28.58 28.48
N MET D 63 7.72 -28.95 29.71
CA MET D 63 6.77 -30.05 29.88
C MET D 63 5.42 -29.72 29.26
N GLY D 64 4.99 -28.46 29.39
CA GLY D 64 3.75 -28.05 28.74
C GLY D 64 3.84 -28.16 27.23
N ILE D 65 4.99 -27.80 26.67
CA ILE D 65 5.18 -27.91 25.23
C ILE D 65 5.19 -29.39 24.82
N MET D 66 5.80 -30.25 25.63
CA MET D 66 5.80 -31.68 25.32
C MET D 66 4.39 -32.24 25.36
N ASN D 67 3.59 -31.80 26.34
CA ASN D 67 2.21 -32.26 26.41
C ASN D 67 1.42 -31.80 25.20
N SER D 68 1.56 -30.53 24.82
CA SER D 68 0.94 -30.05 23.59
C SER D 68 1.36 -30.90 22.40
N PHE D 69 2.67 -31.21 22.30
CA PHE D 69 3.18 -32.04 21.20
C PHE D 69 2.51 -33.40 21.17
N VAL D 70 2.51 -34.09 22.31
CA VAL D 70 1.95 -35.43 22.37
C VAL D 70 0.47 -35.39 21.98
N ASN D 71 -0.27 -34.42 22.51
CA ASN D 71 -1.68 -34.30 22.13
C ASN D 71 -1.84 -34.04 20.64
N ASP D 72 -0.99 -33.17 20.07
CA ASP D 72 -1.06 -32.88 18.64
C ASP D 72 -0.84 -34.15 17.82
N ILE D 73 0.24 -34.88 18.11
CA ILE D 73 0.53 -36.08 17.34
C ILE D 73 -0.55 -37.13 17.56
N PHE D 74 -1.08 -37.21 18.78
CA PHE D 74 -2.21 -38.09 19.06
C PHE D 74 -3.36 -37.79 18.12
N GLU D 75 -3.74 -36.51 18.06
CA GLU D 75 -4.85 -36.10 17.20
C GLU D 75 -4.57 -36.43 15.75
N ARG D 76 -3.36 -36.12 15.27
CA ARG D 76 -3.03 -36.40 13.87
C ARG D 76 -3.16 -37.88 13.55
N ILE D 77 -2.53 -38.74 14.36
CA ILE D 77 -2.54 -40.18 14.04
C ILE D 77 -3.94 -40.76 14.19
N ALA D 78 -4.61 -40.46 15.30
CA ALA D 78 -5.95 -41.01 15.51
C ALA D 78 -6.93 -40.52 14.44
N GLY D 79 -6.84 -39.25 14.05
CA GLY D 79 -7.74 -38.73 13.04
C GLY D 79 -7.49 -39.38 11.69
N GLU D 80 -6.22 -39.49 11.30
CA GLU D 80 -5.94 -40.15 10.04
C GLU D 80 -6.37 -41.61 10.07
N ALA D 81 -6.18 -42.29 11.20
CA ALA D 81 -6.62 -43.68 11.28
C ALA D 81 -8.14 -43.79 11.14
N SER D 82 -8.87 -42.87 11.77
CA SER D 82 -10.33 -42.84 11.63
C SER D 82 -10.72 -42.66 10.16
N ARG D 83 -10.04 -41.73 9.49
CA ARG D 83 -10.32 -41.48 8.08
C ARG D 83 -10.01 -42.73 7.25
N LEU D 84 -8.88 -43.37 7.53
CA LEU D 84 -8.52 -44.63 6.86
C LEU D 84 -9.62 -45.67 7.01
N ALA D 85 -10.11 -45.88 8.24
CA ALA D 85 -11.15 -46.87 8.45
C ALA D 85 -12.41 -46.52 7.68
N HIS D 86 -12.79 -45.23 7.69
CA HIS D 86 -13.96 -44.79 6.95
C HIS D 86 -13.79 -45.02 5.46
N TYR D 87 -12.62 -44.63 4.93
CA TYR D 87 -12.31 -44.75 3.51
C TYR D 87 -12.47 -46.16 2.99
N ASN D 88 -12.21 -47.16 3.84
CA ASN D 88 -12.20 -48.57 3.46
C ASN D 88 -13.43 -49.30 3.97
N LYS D 89 -14.43 -48.53 4.41
CA LYS D 89 -15.71 -49.05 4.89
C LYS D 89 -15.49 -50.06 6.01
N ARG D 90 -14.54 -49.74 6.89
CA ARG D 90 -14.27 -50.53 8.08
C ARG D 90 -14.71 -49.74 9.31
N SER D 91 -15.29 -50.44 10.28
CA SER D 91 -15.78 -49.78 11.49
C SER D 91 -14.79 -49.85 12.65
N THR D 92 -13.67 -50.55 12.48
CA THR D 92 -12.69 -50.75 13.54
C THR D 92 -11.36 -50.12 13.16
N ILE D 93 -10.79 -49.33 14.07
CA ILE D 93 -9.41 -48.89 13.93
C ILE D 93 -8.52 -49.93 14.60
N THR D 94 -7.66 -50.57 13.83
CA THR D 94 -6.74 -51.59 14.29
C THR D 94 -5.32 -51.06 14.18
N SER D 95 -4.36 -51.88 14.61
CA SER D 95 -2.96 -51.49 14.50
C SER D 95 -2.56 -51.21 13.06
N ARG D 96 -3.30 -51.76 12.10
CA ARG D 96 -3.02 -51.50 10.70
C ARG D 96 -3.30 -50.05 10.33
N GLU D 97 -4.44 -49.52 10.79
CA GLU D 97 -4.75 -48.11 10.56
C GLU D 97 -3.74 -47.20 11.24
N ILE D 98 -3.35 -47.54 12.47
CA ILE D 98 -2.34 -46.76 13.17
C ILE D 98 -1.03 -46.76 12.38
N GLN D 99 -0.62 -47.93 11.90
CA GLN D 99 0.66 -48.04 11.20
C GLN D 99 0.63 -47.25 9.90
N THR D 100 -0.45 -47.37 9.13
CA THR D 100 -0.55 -46.64 7.88
C THR D 100 -0.60 -45.13 8.12
N ALA D 101 -1.36 -44.69 9.13
CA ALA D 101 -1.37 -43.28 9.47
C ALA D 101 0.02 -42.78 9.83
N VAL D 102 0.78 -43.57 10.61
CA VAL D 102 2.15 -43.20 10.93
C VAL D 102 3.00 -43.08 9.68
N ARG D 103 2.83 -44.00 8.74
CA ARG D 103 3.62 -43.93 7.51
C ARG D 103 3.25 -42.70 6.68
N LEU D 104 1.97 -42.32 6.66
CA LEU D 104 1.60 -41.10 5.94
C LEU D 104 2.13 -39.85 6.64
N LEU D 105 2.08 -39.83 7.97
CA LEU D 105 2.37 -38.61 8.70
C LEU D 105 3.85 -38.46 9.00
N LEU D 106 4.55 -39.56 9.20
CA LEU D 106 5.92 -39.30 9.63
C LEU D 106 6.86 -39.37 8.44
N PRO D 107 7.88 -38.52 8.42
CA PRO D 107 8.86 -38.55 7.33
C PRO D 107 9.85 -39.71 7.45
N GLY D 108 10.10 -40.36 6.31
CA GLY D 108 11.24 -41.24 6.13
C GLY D 108 11.69 -42.10 7.29
N GLU D 109 12.90 -41.85 7.77
CA GLU D 109 13.49 -42.69 8.80
C GLU D 109 12.67 -42.60 10.10
N LEU D 110 12.07 -41.44 10.37
CA LEU D 110 11.23 -41.34 11.56
C LEU D 110 10.07 -42.30 11.45
N ALA D 111 9.48 -42.40 10.26
CA ALA D 111 8.39 -43.32 10.02
C ALA D 111 8.85 -44.76 10.17
N LYS D 112 10.01 -45.10 9.60
CA LYS D 112 10.49 -46.47 9.71
C LYS D 112 10.72 -46.86 11.17
N HIS D 113 11.36 -45.98 11.95
CA HIS D 113 11.63 -46.29 13.35
C HIS D 113 10.34 -46.38 14.15
N ALA D 114 9.40 -45.46 13.93
CA ALA D 114 8.13 -45.52 14.63
C ALA D 114 7.40 -46.81 14.32
N VAL D 115 7.37 -47.19 13.04
CA VAL D 115 6.73 -48.46 12.67
C VAL D 115 7.42 -49.62 13.37
N SER D 116 8.76 -49.60 13.44
CA SER D 116 9.48 -50.66 14.14
C SER D 116 9.08 -50.73 15.61
N GLU D 117 9.01 -49.58 16.27
CA GLU D 117 8.62 -49.56 17.67
C GLU D 117 7.20 -50.09 17.85
N GLY D 118 6.28 -49.64 17.00
CA GLY D 118 4.90 -50.08 17.12
C GLY D 118 4.76 -51.58 16.89
N THR D 119 5.44 -52.11 15.88
CA THR D 119 5.31 -53.54 15.59
C THR D 119 5.88 -54.35 16.75
N LYS D 120 7.09 -53.99 17.22
CA LYS D 120 7.65 -54.69 18.37
C LYS D 120 6.71 -54.64 19.56
N ALA D 121 6.11 -53.47 19.83
CA ALA D 121 5.22 -53.33 20.98
C ALA D 121 3.98 -54.19 20.84
N VAL D 122 3.37 -54.23 19.65
CA VAL D 122 2.16 -55.01 19.47
C VAL D 122 2.46 -56.50 19.58
N THR D 123 3.60 -56.94 19.01
CA THR D 123 3.95 -58.35 19.09
C THR D 123 4.28 -58.74 20.52
N LYS D 124 4.95 -57.87 21.27
CA LYS D 124 5.19 -58.19 22.68
C LYS D 124 3.88 -58.25 23.46
N TYR D 125 2.95 -57.33 23.18
CA TYR D 125 1.68 -57.33 23.88
C TYR D 125 0.87 -58.58 23.61
N THR D 126 0.82 -59.03 22.35
CA THR D 126 -0.01 -60.19 22.02
C THR D 126 0.49 -61.45 22.74
N SER D 127 1.78 -61.53 23.04
CA SER D 127 2.32 -62.67 23.74
C SER D 127 2.34 -62.44 25.25
N PRO E 42 35.99 10.38 18.58
CA PRO E 42 35.16 9.41 19.29
C PRO E 42 35.04 8.10 18.51
N HIS E 43 34.75 7.00 19.21
CA HIS E 43 34.62 5.72 18.55
C HIS E 43 33.29 5.64 17.82
N ARG E 44 33.29 4.94 16.68
CA ARG E 44 32.08 4.72 15.90
C ARG E 44 32.19 3.42 15.13
N TYR E 45 31.20 2.54 15.31
CA TYR E 45 31.15 1.32 14.53
C TYR E 45 30.62 1.61 13.14
N ARG E 46 31.13 0.88 12.16
CA ARG E 46 30.67 1.08 10.79
C ARG E 46 29.23 0.57 10.64
N PRO E 47 28.46 1.17 9.73
CA PRO E 47 27.09 0.68 9.48
C PRO E 47 27.05 -0.81 9.18
N GLY E 48 26.28 -1.57 9.97
CA GLY E 48 26.13 -3.00 9.80
C GLY E 48 26.71 -3.81 10.92
N THR E 49 27.82 -3.36 11.53
CA THR E 49 28.45 -4.13 12.59
C THR E 49 27.51 -4.28 13.77
N VAL E 50 26.86 -3.19 14.17
CA VAL E 50 25.98 -3.23 15.33
C VAL E 50 24.69 -3.95 14.96
N ALA E 51 24.25 -3.80 13.71
CA ALA E 51 23.09 -4.55 13.25
C ALA E 51 23.34 -6.05 13.37
N LEU E 52 24.49 -6.51 12.87
CA LEU E 52 24.83 -7.93 12.98
C LEU E 52 24.93 -8.37 14.43
N ARG E 53 25.58 -7.55 15.28
CA ARG E 53 25.64 -7.89 16.70
C ARG E 53 24.26 -8.06 17.31
N GLU E 54 23.32 -7.17 16.95
CA GLU E 54 21.96 -7.28 17.46
C GLU E 54 21.28 -8.52 16.93
N ILE E 55 21.52 -8.87 15.66
CA ILE E 55 20.94 -10.09 15.10
C ILE E 55 21.39 -11.29 15.91
N ARG E 56 22.71 -11.40 16.15
CA ARG E 56 23.23 -12.51 16.93
C ARG E 56 22.62 -12.53 18.33
N ARG E 57 22.56 -11.36 18.97
CA ARG E 57 21.99 -11.25 20.31
C ARG E 57 20.56 -11.77 20.36
N TYR E 58 19.70 -11.28 19.47
CA TYR E 58 18.29 -11.62 19.57
C TYR E 58 17.97 -12.98 18.99
N GLN E 59 18.84 -13.54 18.13
CA GLN E 59 18.61 -14.91 17.70
C GLN E 59 19.13 -15.90 18.72
N LYS E 60 20.02 -15.46 19.61
CA LYS E 60 20.52 -16.32 20.67
C LYS E 60 19.52 -16.48 21.80
N SER E 61 18.70 -15.45 22.05
CA SER E 61 17.83 -15.37 23.21
C SER E 61 16.37 -15.61 22.82
N THR E 62 15.49 -15.59 23.83
CA THR E 62 14.09 -15.94 23.64
C THR E 62 13.05 -14.96 24.21
N GLU E 63 13.44 -13.86 24.83
CA GLU E 63 12.46 -12.99 25.48
C GLU E 63 11.57 -12.32 24.44
N LEU E 64 10.33 -12.05 24.85
CA LEU E 64 9.39 -11.39 23.95
C LEU E 64 9.87 -9.99 23.60
N LEU E 65 9.61 -9.58 22.36
CA LEU E 65 10.23 -8.40 21.81
C LEU E 65 9.27 -7.22 21.73
N ILE E 66 7.97 -7.46 21.86
CA ILE E 66 7.00 -6.39 21.93
C ILE E 66 6.73 -6.09 23.40
N ARG E 67 6.54 -4.83 23.73
CA ARG E 67 6.25 -4.47 25.10
C ARG E 67 4.92 -5.09 25.51
N LYS E 68 4.88 -5.64 26.73
CA LYS E 68 3.71 -6.39 27.17
C LYS E 68 2.44 -5.54 27.17
N LEU E 69 2.46 -4.42 27.89
CA LEU E 69 1.27 -3.61 28.09
C LEU E 69 0.72 -2.97 26.82
N PRO E 70 1.55 -2.38 25.94
CA PRO E 70 0.96 -1.86 24.69
C PRO E 70 0.35 -2.94 23.82
N PHE E 71 0.96 -4.13 23.77
CA PHE E 71 0.35 -5.21 23.01
C PHE E 71 -0.99 -5.61 23.63
N GLN E 72 -1.03 -5.71 24.96
CA GLN E 72 -2.27 -6.05 25.63
C GLN E 72 -3.36 -5.04 25.31
N ARG E 73 -3.01 -3.75 25.34
CA ARG E 73 -3.99 -2.72 24.99
C ARG E 73 -4.46 -2.86 23.56
N LEU E 74 -3.54 -3.16 22.63
CA LEU E 74 -3.92 -3.37 21.23
C LEU E 74 -4.92 -4.52 21.11
N VAL E 75 -4.60 -5.65 21.76
CA VAL E 75 -5.47 -6.82 21.72
C VAL E 75 -6.85 -6.49 22.28
N ARG E 76 -6.89 -5.76 23.40
CA ARG E 76 -8.18 -5.43 23.99
C ARG E 76 -8.96 -4.50 23.09
N GLU E 77 -8.29 -3.54 22.45
CA GLU E 77 -8.97 -2.65 21.52
C GLU E 77 -9.59 -3.43 20.36
N ILE E 78 -8.78 -4.28 19.71
CA ILE E 78 -9.27 -5.05 18.57
C ILE E 78 -10.43 -5.94 18.99
N ALA E 79 -10.30 -6.63 20.12
CA ALA E 79 -11.40 -7.48 20.56
C ALA E 79 -12.64 -6.65 20.86
N GLN E 80 -12.46 -5.48 21.45
CA GLN E 80 -13.59 -4.62 21.78
C GLN E 80 -14.32 -4.13 20.54
N ASP E 81 -13.61 -4.00 19.40
CA ASP E 81 -14.35 -3.63 18.21
C ASP E 81 -15.12 -4.79 17.60
N PHE E 82 -15.04 -5.99 18.18
CA PHE E 82 -15.89 -7.11 17.79
C PHE E 82 -16.99 -7.40 18.80
N LYS E 83 -16.69 -7.38 20.09
CA LYS E 83 -17.68 -7.57 21.14
C LYS E 83 -17.28 -6.75 22.35
N THR E 84 -18.22 -5.97 22.87
CA THR E 84 -17.96 -5.09 24.00
C THR E 84 -17.84 -5.85 25.31
N ASP E 85 -17.07 -5.27 26.23
CA ASP E 85 -16.99 -5.66 27.63
C ASP E 85 -16.30 -7.01 27.84
N LEU E 86 -15.53 -7.47 26.86
CA LEU E 86 -14.80 -8.73 27.01
C LEU E 86 -13.69 -8.59 28.04
N ARG E 87 -13.43 -9.69 28.75
CA ARG E 87 -12.24 -9.80 29.56
C ARG E 87 -11.29 -10.81 28.93
N PHE E 88 -10.04 -10.82 29.42
CA PHE E 88 -9.02 -11.72 28.90
C PHE E 88 -8.27 -12.38 30.04
N GLN E 89 -8.03 -13.69 29.93
CA GLN E 89 -7.05 -14.31 30.80
C GLN E 89 -5.66 -13.82 30.42
N SER E 90 -4.79 -13.66 31.42
CA SER E 90 -3.42 -13.22 31.16
C SER E 90 -2.74 -14.14 30.14
N SER E 91 -2.84 -15.45 30.35
CA SER E 91 -2.18 -16.39 29.45
C SER E 91 -2.78 -16.36 28.05
N ALA E 92 -4.00 -15.84 27.90
CA ALA E 92 -4.59 -15.72 26.57
C ALA E 92 -3.87 -14.63 25.79
N VAL E 93 -3.61 -13.50 26.46
CA VAL E 93 -2.90 -12.41 25.82
C VAL E 93 -1.47 -12.82 25.55
N MET E 94 -0.86 -13.54 26.49
CA MET E 94 0.52 -14.00 26.26
C MET E 94 0.57 -14.96 25.09
N ALA E 95 -0.46 -15.80 24.93
CA ALA E 95 -0.52 -16.71 23.79
C ALA E 95 -0.62 -15.92 22.49
N LEU E 96 -1.50 -14.93 22.46
CA LEU E 96 -1.63 -14.08 21.28
C LEU E 96 -0.31 -13.40 20.96
N GLN E 97 0.44 -13.02 22.00
CA GLN E 97 1.69 -12.31 21.77
C GLN E 97 2.75 -13.25 21.21
N GLU E 98 2.82 -14.47 21.76
CA GLU E 98 3.73 -15.47 21.23
C GLU E 98 3.43 -15.74 19.76
N ALA E 99 2.13 -15.88 19.44
CA ALA E 99 1.74 -16.14 18.05
C ALA E 99 2.13 -14.99 17.15
N CYS E 100 1.89 -13.76 17.59
CA CYS E 100 2.19 -12.60 16.75
C CYS E 100 3.69 -12.50 16.49
N GLU E 101 4.50 -12.65 17.54
CA GLU E 101 5.95 -12.51 17.32
C GLU E 101 6.49 -13.66 16.48
N ALA E 102 6.05 -14.90 16.70
CA ALA E 102 6.50 -15.98 15.85
C ALA E 102 6.12 -15.75 14.39
N TYR E 103 4.90 -15.27 14.16
CA TYR E 103 4.46 -15.00 12.79
C TYR E 103 5.31 -13.92 12.16
N LEU E 104 5.53 -12.82 12.89
CA LEU E 104 6.31 -11.71 12.34
C LEU E 104 7.76 -12.11 12.09
N VAL E 105 8.39 -12.83 13.01
CA VAL E 105 9.77 -13.25 12.77
C VAL E 105 9.85 -14.13 11.52
N GLY E 106 8.94 -15.10 11.37
CA GLY E 106 8.96 -15.91 10.16
C GLY E 106 8.72 -15.11 8.89
N LEU E 107 7.75 -14.19 8.94
CA LEU E 107 7.48 -13.34 7.79
C LEU E 107 8.69 -12.50 7.42
N PHE E 108 9.41 -12.01 8.43
CA PHE E 108 10.60 -11.20 8.19
C PHE E 108 11.75 -12.05 7.67
N GLU E 109 11.83 -13.32 8.07
CA GLU E 109 12.79 -14.23 7.46
C GLU E 109 12.52 -14.33 5.96
N ASP E 110 11.25 -14.55 5.60
CA ASP E 110 10.93 -14.70 4.18
C ASP E 110 11.19 -13.39 3.44
N THR E 111 10.81 -12.26 4.05
CA THR E 111 11.09 -10.95 3.48
C THR E 111 12.59 -10.77 3.22
N ASN E 112 13.41 -11.18 4.18
CA ASN E 112 14.86 -11.10 4.01
C ASN E 112 15.32 -11.95 2.84
N LEU E 113 14.75 -13.16 2.70
CA LEU E 113 15.11 -14.00 1.57
C LEU E 113 14.76 -13.32 0.25
N CYS E 114 13.62 -12.63 0.21
CA CYS E 114 13.23 -11.92 -1.01
C CYS E 114 14.18 -10.77 -1.30
N ALA E 115 14.58 -10.05 -0.26
CA ALA E 115 15.55 -8.96 -0.43
C ALA E 115 16.87 -9.48 -0.98
N ILE E 116 17.39 -10.54 -0.38
CA ILE E 116 18.65 -11.09 -0.83
C ILE E 116 18.54 -11.57 -2.27
N HIS E 117 17.39 -12.16 -2.62
CA HIS E 117 17.14 -12.58 -3.99
C HIS E 117 17.29 -11.43 -4.98
N ALA E 118 16.83 -10.23 -4.60
CA ALA E 118 16.89 -9.07 -5.49
C ALA E 118 18.22 -8.33 -5.38
N LYS E 119 19.26 -8.99 -4.85
CA LYS E 119 20.59 -8.43 -4.69
C LYS E 119 20.57 -7.14 -3.88
N ARG E 120 19.63 -7.03 -2.95
CA ARG E 120 19.57 -5.96 -1.98
C ARG E 120 19.87 -6.52 -0.59
N VAL E 121 20.11 -5.61 0.35
CA VAL E 121 20.32 -5.98 1.74
C VAL E 121 19.29 -5.33 2.66
N THR E 122 18.43 -4.48 2.10
CA THR E 122 17.41 -3.75 2.83
C THR E 122 16.04 -4.29 2.44
N ILE E 123 15.25 -4.68 3.43
CA ILE E 123 13.91 -5.18 3.14
C ILE E 123 12.98 -4.00 2.93
N MET E 124 12.05 -4.15 2.00
CA MET E 124 11.14 -3.09 1.57
C MET E 124 9.72 -3.61 1.51
N PRO E 125 8.72 -2.72 1.48
CA PRO E 125 7.32 -3.19 1.43
C PRO E 125 7.01 -4.19 0.32
N LYS E 126 7.59 -4.01 -0.87
CA LYS E 126 7.32 -4.96 -1.95
C LYS E 126 7.83 -6.34 -1.58
N ASP E 127 8.85 -6.40 -0.73
CA ASP E 127 9.35 -7.68 -0.24
C ASP E 127 8.31 -8.37 0.64
N ILE E 128 7.72 -7.62 1.56
CA ILE E 128 6.66 -8.16 2.40
C ILE E 128 5.51 -8.65 1.54
N GLN E 129 5.12 -7.85 0.54
CA GLN E 129 3.99 -8.23 -0.29
C GLN E 129 4.29 -9.47 -1.13
N LEU E 130 5.52 -9.62 -1.61
CA LEU E 130 5.86 -10.83 -2.34
C LEU E 130 5.85 -12.04 -1.42
N ALA E 131 6.45 -11.90 -0.23
CA ALA E 131 6.49 -13.02 0.71
C ALA E 131 5.09 -13.48 1.06
N ARG E 132 4.18 -12.53 1.34
CA ARG E 132 2.84 -12.89 1.72
C ARG E 132 2.03 -13.41 0.54
N ARG E 133 2.31 -12.91 -0.66
CA ARG E 133 1.62 -13.41 -1.88
C ARG E 133 2.01 -14.88 -2.11
N ILE E 134 3.29 -15.20 -1.93
CA ILE E 134 3.74 -16.57 -2.18
C ILE E 134 3.29 -17.49 -1.05
N ARG E 135 3.21 -16.97 0.18
CA ARG E 135 2.68 -17.74 1.29
C ARG E 135 1.21 -18.08 1.10
N GLY E 136 0.51 -17.33 0.25
CA GLY E 136 -0.92 -17.53 0.08
C GLY E 136 -1.78 -16.72 1.01
N GLU E 137 -1.23 -15.69 1.64
CA GLU E 137 -2.01 -14.81 2.50
C GLU E 137 -2.74 -13.73 1.72
N ARG E 138 -2.25 -13.37 0.54
CA ARG E 138 -2.90 -12.36 -0.28
C ARG E 138 -3.29 -12.93 -1.65
N ARG F 27 -7.50 3.80 22.03
CA ARG F 27 -7.51 4.47 20.73
C ARG F 27 -6.13 4.53 20.11
N ASP F 28 -6.06 4.25 18.80
CA ASP F 28 -4.82 4.35 18.04
C ASP F 28 -3.76 3.41 18.63
N ASN F 29 -4.22 2.30 19.20
CA ASN F 29 -3.34 1.42 19.96
C ASN F 29 -2.32 0.70 19.08
N ILE F 30 -2.52 0.69 17.76
CA ILE F 30 -1.56 0.08 16.85
C ILE F 30 -0.20 0.75 16.94
N GLN F 31 -0.15 2.01 17.39
CA GLN F 31 1.09 2.75 17.53
C GLN F 31 1.92 2.29 18.72
N GLY F 32 1.35 1.43 19.58
CA GLY F 32 2.15 0.86 20.65
C GLY F 32 3.17 -0.15 20.17
N ILE F 33 2.99 -0.66 18.95
CA ILE F 33 3.99 -1.48 18.29
C ILE F 33 5.04 -0.52 17.74
N THR F 34 6.05 -0.22 18.56
CA THR F 34 6.94 0.89 18.30
C THR F 34 7.95 0.55 17.19
N LYS F 35 8.58 1.59 16.67
CA LYS F 35 9.66 1.41 15.70
C LYS F 35 10.79 0.52 16.23
N PRO F 36 11.32 0.72 17.45
CA PRO F 36 12.38 -0.19 17.89
C PRO F 36 11.91 -1.62 18.09
N ALA F 37 10.63 -1.82 18.40
CA ALA F 37 10.14 -3.19 18.54
C ALA F 37 10.13 -3.89 17.18
N ILE F 38 9.66 -3.19 16.15
CA ILE F 38 9.64 -3.77 14.82
C ILE F 38 11.06 -4.03 14.33
N ARG F 39 11.97 -3.10 14.63
CA ARG F 39 13.38 -3.33 14.33
C ARG F 39 13.89 -4.59 15.03
N ARG F 40 13.56 -4.77 16.30
CA ARG F 40 14.02 -5.95 17.03
C ARG F 40 13.49 -7.23 16.40
N LEU F 41 12.19 -7.24 16.06
CA LEU F 41 11.62 -8.40 15.36
C LEU F 41 12.37 -8.69 14.08
N ALA F 42 12.73 -7.64 13.32
CA ALA F 42 13.44 -7.85 12.07
C ALA F 42 14.84 -8.38 12.32
N ARG F 43 15.50 -7.88 13.38
CA ARG F 43 16.81 -8.37 13.78
C ARG F 43 16.76 -9.86 14.09
N ARG F 44 15.74 -10.30 14.82
CA ARG F 44 15.63 -11.74 15.07
C ARG F 44 15.41 -12.50 13.77
N GLY F 45 14.77 -11.88 12.79
CA GLY F 45 14.61 -12.45 11.48
C GLY F 45 15.81 -12.33 10.57
N GLY F 46 16.89 -11.70 11.05
CA GLY F 46 18.13 -11.63 10.30
C GLY F 46 18.23 -10.43 9.40
N VAL F 47 17.36 -9.44 9.58
CA VAL F 47 17.31 -8.26 8.72
C VAL F 47 18.30 -7.23 9.23
N LYS F 48 19.13 -6.71 8.33
CA LYS F 48 20.20 -5.79 8.68
C LYS F 48 19.83 -4.33 8.46
N ARG F 49 19.00 -4.03 7.47
CA ARG F 49 18.62 -2.68 7.11
C ARG F 49 17.13 -2.65 6.79
N ILE F 50 16.47 -1.57 7.18
CA ILE F 50 15.01 -1.52 7.18
C ILE F 50 14.57 -0.19 6.58
N SER F 51 13.80 -0.24 5.51
CA SER F 51 13.27 0.97 4.90
C SER F 51 12.30 1.66 5.85
N GLY F 52 12.27 2.99 5.77
CA GLY F 52 11.40 3.75 6.64
C GLY F 52 9.92 3.41 6.48
N LEU F 53 9.52 2.97 5.29
CA LEU F 53 8.12 2.67 5.08
C LEU F 53 7.73 1.29 5.61
N ILE F 54 8.71 0.47 5.98
CA ILE F 54 8.42 -0.87 6.47
C ILE F 54 7.56 -0.83 7.73
N TYR F 55 7.88 0.08 8.64
CA TYR F 55 7.27 0.04 9.97
C TYR F 55 5.76 0.19 9.88
N GLU F 56 5.29 1.23 9.20
CA GLU F 56 3.85 1.38 9.04
C GLU F 56 3.27 0.18 8.31
N GLU F 57 3.98 -0.29 7.29
CA GLU F 57 3.47 -1.43 6.54
C GLU F 57 3.34 -2.62 7.46
N THR F 58 4.37 -2.85 8.29
CA THR F 58 4.34 -4.00 9.17
C THR F 58 3.15 -3.90 10.09
N ARG F 59 2.85 -2.68 10.56
CA ARG F 59 1.78 -2.53 11.52
C ARG F 59 0.48 -2.97 10.89
N GLY F 60 0.25 -2.56 9.63
CA GLY F 60 -0.98 -2.94 8.98
C GLY F 60 -1.08 -4.45 8.92
N VAL F 61 0.01 -5.09 8.50
CA VAL F 61 0.00 -6.54 8.37
C VAL F 61 -0.31 -7.15 9.72
N LEU F 62 0.35 -6.64 10.76
CA LEU F 62 0.17 -7.22 12.08
C LEU F 62 -1.29 -7.07 12.49
N LYS F 63 -1.87 -5.90 12.21
CA LYS F 63 -3.23 -5.66 12.66
C LYS F 63 -4.15 -6.67 12.00
N VAL F 64 -3.94 -6.91 10.70
CA VAL F 64 -4.80 -7.85 9.98
C VAL F 64 -4.69 -9.21 10.64
N PHE F 65 -3.45 -9.64 10.91
CA PHE F 65 -3.25 -10.94 11.50
C PHE F 65 -4.04 -11.03 12.79
N LEU F 66 -3.90 -10.02 13.64
CA LEU F 66 -4.55 -10.11 14.95
C LEU F 66 -6.04 -10.24 14.76
N GLU F 67 -6.61 -9.41 13.88
CA GLU F 67 -8.04 -9.45 13.65
C GLU F 67 -8.46 -10.87 13.33
N ASN F 68 -7.78 -11.50 12.38
CA ASN F 68 -8.20 -12.82 11.94
C ASN F 68 -8.17 -13.79 13.10
N VAL F 69 -7.11 -13.75 13.90
CA VAL F 69 -7.05 -14.66 15.04
C VAL F 69 -8.14 -14.30 16.04
N ILE F 70 -8.23 -13.01 16.39
CA ILE F 70 -9.09 -12.62 17.50
C ILE F 70 -10.54 -12.88 17.16
N ARG F 71 -10.91 -12.64 15.91
CA ARG F 71 -12.28 -12.92 15.47
C ARG F 71 -12.63 -14.34 15.82
N ASP F 72 -11.79 -15.28 15.38
CA ASP F 72 -12.11 -16.68 15.64
C ASP F 72 -12.12 -16.92 17.13
N ALA F 73 -11.15 -16.36 17.86
CA ALA F 73 -11.10 -16.59 19.28
C ALA F 73 -12.40 -16.12 19.92
N VAL F 74 -12.85 -14.92 19.53
CA VAL F 74 -14.02 -14.38 20.19
C VAL F 74 -15.22 -15.22 19.82
N THR F 75 -15.23 -15.75 18.60
CA THR F 75 -16.32 -16.62 18.18
C THR F 75 -16.42 -17.81 19.11
N TYR F 76 -15.28 -18.46 19.42
CA TYR F 76 -15.34 -19.57 20.34
C TYR F 76 -15.87 -19.11 21.68
N THR F 77 -15.38 -17.97 22.15
CA THR F 77 -15.84 -17.44 23.43
C THR F 77 -17.35 -17.25 23.40
N GLU F 78 -17.86 -16.75 22.27
CA GLU F 78 -19.29 -16.48 22.19
C GLU F 78 -20.06 -17.78 22.12
N HIS F 79 -19.51 -18.78 21.41
CA HIS F 79 -20.19 -20.07 21.32
C HIS F 79 -20.32 -20.72 22.69
N ALA F 80 -19.31 -20.58 23.53
CA ALA F 80 -19.30 -21.20 24.85
C ALA F 80 -20.14 -20.43 25.87
N LYS F 81 -20.77 -19.34 25.45
CA LYS F 81 -21.52 -18.45 26.32
C LYS F 81 -20.68 -17.98 27.50
N ARG F 82 -19.44 -17.59 27.20
CA ARG F 82 -18.53 -17.05 28.20
C ARG F 82 -18.26 -15.58 27.86
N LYS F 83 -17.77 -14.85 28.86
CA LYS F 83 -17.40 -13.46 28.66
C LYS F 83 -15.90 -13.24 28.78
N THR F 84 -15.13 -14.30 29.04
CA THR F 84 -13.67 -14.22 29.18
C THR F 84 -13.03 -15.04 28.09
N VAL F 85 -12.26 -14.40 27.22
CA VAL F 85 -11.48 -15.14 26.23
C VAL F 85 -10.36 -15.87 26.96
N THR F 86 -10.29 -17.18 26.78
CA THR F 86 -9.28 -17.98 27.43
C THR F 86 -8.14 -18.28 26.47
N ALA F 87 -7.03 -18.73 27.04
CA ALA F 87 -5.88 -19.17 26.23
C ALA F 87 -6.30 -20.26 25.25
N MET F 88 -7.20 -21.14 25.66
CA MET F 88 -7.62 -22.23 24.78
C MET F 88 -8.36 -21.69 23.56
N ASP F 89 -9.17 -20.64 23.72
CA ASP F 89 -9.81 -20.05 22.53
C ASP F 89 -8.77 -19.62 21.51
N VAL F 90 -7.70 -18.98 21.97
CA VAL F 90 -6.65 -18.52 21.06
C VAL F 90 -5.92 -19.69 20.42
N VAL F 91 -5.59 -20.71 21.22
CA VAL F 91 -4.90 -21.88 20.68
C VAL F 91 -5.76 -22.53 19.60
N TYR F 92 -7.06 -22.66 19.84
CA TYR F 92 -7.96 -23.22 18.84
C TYR F 92 -8.03 -22.37 17.59
N ALA F 93 -8.12 -21.04 17.75
CA ALA F 93 -8.15 -20.16 16.58
C ALA F 93 -6.91 -20.36 15.74
N LEU F 94 -5.75 -20.42 16.41
CA LEU F 94 -4.48 -20.58 15.71
C LEU F 94 -4.43 -21.93 15.01
N LYS F 95 -4.87 -22.99 15.68
CA LYS F 95 -4.87 -24.31 15.07
C LYS F 95 -5.72 -24.31 13.81
N ARG F 96 -6.92 -23.75 13.89
CA ARG F 96 -7.79 -23.77 12.72
C ARG F 96 -7.34 -22.79 11.65
N GLN F 97 -6.41 -21.89 11.96
CA GLN F 97 -5.82 -21.02 10.95
C GLN F 97 -4.45 -21.56 10.50
N GLY F 98 -4.12 -22.79 10.88
CA GLY F 98 -2.90 -23.41 10.42
C GLY F 98 -1.63 -22.88 11.05
N ARG F 99 -1.71 -22.36 12.27
CA ARG F 99 -0.57 -21.79 12.97
C ARG F 99 -0.49 -22.39 14.37
N THR F 100 -0.63 -23.72 14.44
CA THR F 100 -0.72 -24.43 15.71
C THR F 100 0.37 -24.00 16.68
N LEU F 101 -0.04 -23.61 17.89
CA LEU F 101 0.85 -23.06 18.89
C LEU F 101 0.94 -24.00 20.06
N TYR F 102 2.16 -24.31 20.47
CA TYR F 102 2.41 -25.27 21.54
C TYR F 102 2.67 -24.51 22.85
N GLY F 103 2.20 -25.07 23.96
CA GLY F 103 2.65 -24.63 25.27
C GLY F 103 1.61 -23.94 26.14
N PHE F 104 0.40 -23.68 25.66
CA PHE F 104 -0.61 -23.00 26.46
C PHE F 104 -1.85 -23.87 26.66
N GLY F 105 -1.74 -25.17 26.44
CA GLY F 105 -2.86 -26.07 26.62
C GLY F 105 -3.21 -26.31 28.07
N LYS G 19 -44.86 -35.84 3.33
CA LYS G 19 -44.24 -34.52 3.42
C LYS G 19 -42.80 -34.66 3.88
N THR G 20 -41.87 -34.17 3.06
CA THR G 20 -40.45 -34.31 3.35
C THR G 20 -39.97 -33.14 4.21
N ARG G 21 -38.87 -33.39 4.93
CA ARG G 21 -38.29 -32.38 5.81
C ARG G 21 -37.74 -31.19 5.01
N SER G 22 -37.17 -31.46 3.83
CA SER G 22 -36.70 -30.37 2.98
C SER G 22 -37.86 -29.46 2.58
N SER G 23 -39.02 -30.04 2.25
CA SER G 23 -40.18 -29.24 1.88
C SER G 23 -40.67 -28.39 3.05
N ARG G 24 -40.72 -28.97 4.24
CA ARG G 24 -41.08 -28.18 5.42
C ARG G 24 -40.07 -27.10 5.70
N ALA G 25 -38.80 -27.30 5.33
CA ALA G 25 -37.79 -26.29 5.60
C ALA G 25 -37.60 -25.33 4.45
N GLY G 26 -38.29 -25.56 3.33
CA GLY G 26 -38.17 -24.69 2.16
C GLY G 26 -36.89 -24.86 1.39
N LEU G 27 -36.29 -26.05 1.42
CA LEU G 27 -34.99 -26.34 0.85
C LEU G 27 -35.10 -27.30 -0.33
N GLN G 28 -34.03 -27.32 -1.12
CA GLN G 28 -33.85 -28.30 -2.18
C GLN G 28 -32.90 -29.41 -1.79
N PHE G 29 -31.91 -29.11 -0.95
CA PHE G 29 -30.95 -30.11 -0.51
C PHE G 29 -31.61 -31.06 0.49
N PRO G 30 -31.21 -32.33 0.50
CA PRO G 30 -31.94 -33.36 1.24
C PRO G 30 -31.61 -33.33 2.73
N VAL G 31 -32.55 -32.83 3.53
CA VAL G 31 -32.33 -32.73 4.97
C VAL G 31 -32.16 -34.11 5.58
N GLY G 32 -33.04 -35.05 5.20
CA GLY G 32 -32.94 -36.41 5.70
C GLY G 32 -31.59 -37.06 5.42
N ARG G 33 -31.12 -36.94 4.17
CA ARG G 33 -29.84 -37.54 3.82
C ARG G 33 -28.69 -36.91 4.60
N VAL G 34 -28.68 -35.58 4.71
CA VAL G 34 -27.64 -34.90 5.49
C VAL G 34 -27.67 -35.38 6.94
N HIS G 35 -28.86 -35.55 7.50
CA HIS G 35 -28.99 -36.04 8.87
C HIS G 35 -28.39 -37.44 8.99
N ARG G 36 -28.71 -38.32 8.03
CA ARG G 36 -28.18 -39.69 8.08
C ARG G 36 -26.66 -39.67 7.97
N LEU G 37 -26.13 -38.81 7.10
CA LEU G 37 -24.69 -38.70 6.92
C LEU G 37 -24.04 -38.18 8.18
N LEU G 38 -24.74 -37.32 8.92
CA LEU G 38 -24.26 -36.87 10.23
C LEU G 38 -24.28 -38.01 11.24
N ARG G 39 -25.34 -38.82 11.26
CA ARG G 39 -25.38 -39.90 12.24
C ARG G 39 -24.25 -40.89 11.98
N LYS G 40 -23.95 -41.16 10.72
CA LYS G 40 -23.00 -42.20 10.34
C LYS G 40 -21.61 -41.66 10.01
N GLY G 41 -21.39 -40.36 10.14
CA GLY G 41 -20.09 -39.80 9.83
C GLY G 41 -19.12 -39.76 10.99
N ASN G 42 -19.48 -40.35 12.12
CA ASN G 42 -18.68 -40.37 13.34
C ASN G 42 -18.27 -38.96 13.79
N TYR G 43 -19.26 -38.06 13.87
CA TYR G 43 -19.01 -36.69 14.32
C TYR G 43 -19.38 -36.50 15.78
N SER G 44 -20.46 -37.13 16.22
CA SER G 44 -20.92 -37.07 17.60
C SER G 44 -21.85 -38.25 17.82
N GLU G 45 -22.10 -38.58 19.09
CA GLU G 45 -22.97 -39.70 19.39
C GLU G 45 -24.42 -39.42 19.00
N ARG G 46 -24.85 -38.17 19.12
CA ARG G 46 -26.20 -37.76 18.81
C ARG G 46 -26.18 -36.51 17.94
N VAL G 47 -27.25 -36.32 17.17
CA VAL G 47 -27.40 -35.17 16.28
C VAL G 47 -28.77 -34.56 16.51
N GLY G 48 -28.80 -33.27 16.80
CA GLY G 48 -30.06 -32.59 17.02
C GLY G 48 -30.88 -32.46 15.75
N ALA G 49 -32.18 -32.24 15.94
CA ALA G 49 -33.09 -32.19 14.80
C ALA G 49 -32.88 -30.95 13.94
N GLY G 50 -32.44 -29.84 14.54
CA GLY G 50 -32.27 -28.62 13.78
C GLY G 50 -30.95 -28.54 13.02
N ALA G 51 -29.96 -29.31 13.45
CA ALA G 51 -28.63 -29.23 12.85
C ALA G 51 -28.61 -29.58 11.37
N PRO G 52 -29.22 -30.69 10.91
CA PRO G 52 -29.16 -30.96 9.47
C PRO G 52 -29.95 -29.98 8.63
N VAL G 53 -31.00 -29.36 9.17
CA VAL G 53 -31.74 -28.36 8.40
C VAL G 53 -30.84 -27.16 8.14
N TYR G 54 -30.21 -26.65 9.20
CA TYR G 54 -29.29 -25.53 9.08
C TYR G 54 -28.16 -25.85 8.12
N LEU G 55 -27.52 -27.00 8.32
CA LEU G 55 -26.40 -27.41 7.47
C LEU G 55 -26.83 -27.51 6.01
N ALA G 56 -27.98 -28.15 5.75
CA ALA G 56 -28.48 -28.27 4.38
C ALA G 56 -28.73 -26.89 3.79
N ALA G 57 -29.23 -25.97 4.62
CA ALA G 57 -29.49 -24.62 4.14
C ALA G 57 -28.18 -23.93 3.75
N VAL G 58 -27.14 -24.11 4.55
CA VAL G 58 -25.86 -23.49 4.21
C VAL G 58 -25.31 -24.05 2.92
N LEU G 59 -25.33 -25.38 2.77
CA LEU G 59 -24.84 -25.97 1.52
C LEU G 59 -25.66 -25.50 0.33
N GLU G 60 -26.98 -25.40 0.49
CA GLU G 60 -27.81 -24.93 -0.61
C GLU G 60 -27.49 -23.49 -0.96
N TYR G 61 -27.30 -22.63 0.06
CA TYR G 61 -26.91 -21.25 -0.23
C TYR G 61 -25.63 -21.20 -1.04
N LEU G 62 -24.60 -21.93 -0.61
CA LEU G 62 -23.32 -21.84 -1.33
C LEU G 62 -23.46 -22.41 -2.74
N THR G 63 -24.19 -23.51 -2.90
CA THR G 63 -24.42 -24.05 -4.23
C THR G 63 -25.14 -23.02 -5.11
N ALA G 64 -26.15 -22.34 -4.57
CA ALA G 64 -26.86 -21.35 -5.37
C ALA G 64 -25.97 -20.19 -5.75
N GLU G 65 -25.11 -19.75 -4.83
CA GLU G 65 -24.23 -18.62 -5.12
C GLU G 65 -23.22 -18.98 -6.20
N ILE G 66 -22.56 -20.13 -6.04
CA ILE G 66 -21.58 -20.56 -7.03
C ILE G 66 -22.24 -20.77 -8.37
N LEU G 67 -23.42 -21.40 -8.40
CA LEU G 67 -24.09 -21.62 -9.67
C LEU G 67 -24.53 -20.30 -10.28
N GLU G 68 -24.92 -19.31 -9.46
CA GLU G 68 -25.23 -17.99 -9.98
C GLU G 68 -24.04 -17.40 -10.74
N LEU G 69 -22.89 -17.31 -10.09
CA LEU G 69 -21.74 -16.72 -10.78
C LEU G 69 -21.31 -17.57 -11.97
N ALA G 70 -21.31 -18.90 -11.83
CA ALA G 70 -20.89 -19.75 -12.94
C ALA G 70 -21.84 -19.62 -14.12
N GLY G 71 -23.14 -19.54 -13.85
CA GLY G 71 -24.11 -19.28 -14.91
C GLY G 71 -23.85 -17.97 -15.61
N ASN G 72 -23.60 -16.92 -14.83
CA ASN G 72 -23.23 -15.63 -15.42
C ASN G 72 -22.03 -15.77 -16.35
N ALA G 73 -20.98 -16.45 -15.88
CA ALA G 73 -19.79 -16.62 -16.71
C ALA G 73 -20.12 -17.42 -17.98
N ALA G 74 -20.99 -18.42 -17.85
CA ALA G 74 -21.41 -19.20 -19.02
C ALA G 74 -22.13 -18.32 -20.03
N ARG G 75 -23.00 -17.43 -19.54
CA ARG G 75 -23.75 -16.54 -20.41
C ARG G 75 -22.83 -15.55 -21.10
N ASP G 76 -21.80 -15.06 -20.39
CA ASP G 76 -20.82 -14.22 -21.07
C ASP G 76 -20.14 -14.95 -22.22
N ASN G 77 -20.01 -16.27 -22.10
CA ASN G 77 -19.32 -17.10 -23.08
C ASN G 77 -20.28 -17.67 -24.11
N LYS G 78 -21.53 -17.22 -24.08
CA LYS G 78 -22.60 -17.66 -24.99
C LYS G 78 -22.71 -19.18 -24.98
N LYS G 79 -22.53 -19.77 -23.80
CA LYS G 79 -22.74 -21.20 -23.60
C LYS G 79 -23.98 -21.38 -22.75
N THR G 80 -24.76 -22.42 -23.03
CA THR G 80 -25.93 -22.72 -22.23
C THR G 80 -25.65 -23.68 -21.09
N ARG G 81 -24.51 -24.36 -21.09
CA ARG G 81 -24.11 -25.29 -20.04
C ARG G 81 -22.91 -24.77 -19.27
N ILE G 82 -22.99 -24.78 -17.94
CA ILE G 82 -21.82 -24.46 -17.14
C ILE G 82 -20.79 -25.57 -17.26
N ILE G 83 -19.56 -25.22 -17.59
CA ILE G 83 -18.47 -26.19 -17.68
C ILE G 83 -17.42 -25.81 -16.63
N PRO G 84 -16.42 -26.66 -16.36
CA PRO G 84 -15.41 -26.32 -15.34
C PRO G 84 -14.74 -24.97 -15.50
N ARG G 85 -14.50 -24.52 -16.74
CA ARG G 85 -13.90 -23.21 -16.95
C ARG G 85 -14.72 -22.13 -16.26
N HIS G 86 -16.05 -22.18 -16.41
CA HIS G 86 -16.90 -21.19 -15.75
C HIS G 86 -16.82 -21.31 -14.24
N LEU G 87 -16.65 -22.52 -13.71
CA LEU G 87 -16.50 -22.65 -12.26
C LEU G 87 -15.22 -21.95 -11.80
N GLN G 88 -14.12 -22.11 -12.54
CA GLN G 88 -12.88 -21.44 -12.15
C GLN G 88 -13.03 -19.92 -12.23
N LEU G 89 -13.62 -19.41 -13.32
CA LEU G 89 -13.85 -17.97 -13.40
C LEU G 89 -14.72 -17.47 -12.25
N ALA G 90 -15.83 -18.17 -11.96
CA ALA G 90 -16.71 -17.76 -10.87
C ALA G 90 -15.98 -17.75 -9.53
N ILE G 91 -15.19 -18.79 -9.25
CA ILE G 91 -14.54 -18.89 -7.94
C ILE G 91 -13.42 -17.88 -7.80
N ARG G 92 -12.56 -17.78 -8.82
CA ARG G 92 -11.40 -16.90 -8.71
C ARG G 92 -11.76 -15.42 -8.83
N ASN G 93 -12.86 -15.07 -9.51
CA ASN G 93 -13.27 -13.68 -9.60
C ASN G 93 -14.07 -13.19 -8.42
N ASP G 94 -14.33 -14.02 -7.41
CA ASP G 94 -15.03 -13.59 -6.23
C ASP G 94 -14.09 -13.73 -5.05
N GLU G 95 -13.76 -12.60 -4.41
CA GLU G 95 -12.71 -12.58 -3.40
C GLU G 95 -12.99 -13.54 -2.26
N GLU G 96 -14.24 -13.60 -1.80
CA GLU G 96 -14.57 -14.41 -0.63
C GLU G 96 -14.71 -15.88 -1.00
N LEU G 97 -15.26 -16.19 -2.18
CA LEU G 97 -15.29 -17.57 -2.62
C LEU G 97 -13.88 -18.08 -2.88
N ASN G 98 -13.03 -17.24 -3.47
CA ASN G 98 -11.64 -17.61 -3.72
C ASN G 98 -10.93 -17.86 -2.40
N LYS G 99 -11.23 -17.05 -1.38
CA LYS G 99 -10.67 -17.29 -0.06
C LYS G 99 -11.12 -18.64 0.50
N LEU G 100 -12.42 -18.92 0.42
CA LEU G 100 -12.94 -20.18 0.94
C LEU G 100 -12.29 -21.38 0.25
N LEU G 101 -12.04 -21.28 -1.06
CA LEU G 101 -11.47 -22.38 -1.84
C LEU G 101 -10.04 -22.08 -2.27
N GLY G 102 -9.27 -21.46 -1.38
CA GLY G 102 -7.92 -21.04 -1.70
C GLY G 102 -6.96 -22.17 -2.02
N ARG G 103 -7.14 -23.33 -1.41
CA ARG G 103 -6.27 -24.49 -1.60
C ARG G 103 -6.97 -25.62 -2.34
N VAL G 104 -7.81 -25.28 -3.31
CA VAL G 104 -8.60 -26.23 -4.06
C VAL G 104 -8.23 -26.14 -5.53
N THR G 105 -8.06 -27.30 -6.17
CA THR G 105 -7.81 -27.39 -7.59
C THR G 105 -9.09 -27.81 -8.29
N ILE G 106 -9.56 -26.98 -9.22
CA ILE G 106 -10.71 -27.29 -10.06
C ILE G 106 -10.23 -28.00 -11.33
N ALA G 107 -10.53 -29.29 -11.43
CA ALA G 107 -10.10 -30.06 -12.59
C ALA G 107 -10.66 -29.45 -13.88
N GLN G 108 -9.81 -29.38 -14.91
CA GLN G 108 -10.16 -28.79 -16.20
C GLN G 108 -10.60 -27.34 -16.06
N GLY G 109 -10.13 -26.67 -15.01
CA GLY G 109 -10.48 -25.29 -14.76
C GLY G 109 -9.57 -24.26 -15.40
N GLY G 110 -8.32 -24.61 -15.64
CA GLY G 110 -7.36 -23.63 -16.09
C GLY G 110 -7.09 -22.60 -15.01
N VAL G 111 -6.62 -21.42 -15.45
CA VAL G 111 -6.32 -20.32 -14.55
C VAL G 111 -7.00 -19.06 -15.08
N LEU G 112 -7.02 -18.03 -14.24
CA LEU G 112 -7.52 -16.73 -14.65
C LEU G 112 -6.57 -16.07 -15.63
N PRO G 113 -7.07 -15.44 -16.68
CA PRO G 113 -6.20 -14.62 -17.54
C PRO G 113 -5.55 -13.51 -16.74
N ASN G 114 -4.22 -13.47 -16.77
CA ASN G 114 -3.48 -12.48 -16.00
C ASN G 114 -2.01 -12.37 -16.43
N ILE G 115 -1.63 -11.21 -16.95
CA ILE G 115 -0.25 -10.96 -17.35
C ILE G 115 0.26 -9.79 -16.53
N GLN G 116 1.40 -9.99 -15.88
CA GLN G 116 2.04 -8.94 -15.09
C GLN G 116 2.44 -7.77 -15.97
N ALA G 117 2.16 -6.56 -15.48
CA ALA G 117 2.38 -5.35 -16.29
C ALA G 117 3.82 -5.23 -16.77
N VAL G 118 4.79 -5.68 -15.99
CA VAL G 118 6.19 -5.55 -16.38
C VAL G 118 6.50 -6.38 -17.63
N LEU G 119 5.69 -7.39 -17.93
CA LEU G 119 5.95 -8.24 -19.09
C LEU G 119 5.41 -7.64 -20.38
N LEU G 120 4.52 -6.65 -20.29
CA LEU G 120 3.92 -6.06 -21.47
C LEU G 120 4.88 -5.07 -22.13
N PRO G 121 4.77 -4.88 -23.44
CA PRO G 121 5.62 -3.92 -24.18
C PRO G 121 5.34 -2.47 -23.78
N LYS H 38 -24.57 -45.75 -4.97
CA LYS H 38 -23.66 -44.62 -5.03
C LYS H 38 -24.44 -43.30 -5.02
N GLU H 39 -24.33 -42.56 -3.93
CA GLU H 39 -25.10 -41.34 -3.73
C GLU H 39 -24.38 -40.14 -4.33
N SER H 40 -25.16 -39.16 -4.78
CA SER H 40 -24.59 -37.88 -5.19
C SER H 40 -25.63 -36.78 -4.99
N TYR H 41 -25.17 -35.54 -5.15
CA TYR H 41 -26.01 -34.36 -5.03
C TYR H 41 -26.54 -33.87 -6.37
N SER H 42 -26.36 -34.65 -7.43
CA SER H 42 -26.64 -34.20 -8.80
C SER H 42 -28.03 -33.60 -8.95
N ILE H 43 -29.05 -34.30 -8.45
CA ILE H 43 -30.42 -33.84 -8.64
C ILE H 43 -30.69 -32.55 -7.87
N TYR H 44 -30.06 -32.38 -6.72
CA TYR H 44 -30.29 -31.17 -5.93
C TYR H 44 -29.55 -29.98 -6.53
N VAL H 45 -28.33 -30.20 -7.00
CA VAL H 45 -27.61 -29.15 -7.71
C VAL H 45 -28.40 -28.72 -8.93
N TYR H 46 -28.97 -29.69 -9.65
CA TYR H 46 -29.72 -29.38 -10.86
C TYR H 46 -31.00 -28.62 -10.52
N LYS H 47 -31.67 -28.99 -9.44
CA LYS H 47 -32.86 -28.24 -9.03
C LYS H 47 -32.50 -26.80 -8.70
N VAL H 48 -31.41 -26.59 -7.96
CA VAL H 48 -30.97 -25.23 -7.66
C VAL H 48 -30.65 -24.47 -8.95
N LEU H 49 -29.94 -25.12 -9.88
CA LEU H 49 -29.64 -24.50 -11.17
C LEU H 49 -30.91 -24.07 -11.89
N LYS H 50 -31.92 -24.94 -11.91
CA LYS H 50 -33.19 -24.57 -12.54
C LYS H 50 -33.87 -23.41 -11.81
N GLN H 51 -33.67 -23.31 -10.50
CA GLN H 51 -34.18 -22.16 -9.78
C GLN H 51 -33.48 -20.87 -10.20
N VAL H 52 -32.15 -20.91 -10.32
CA VAL H 52 -31.41 -19.69 -10.59
C VAL H 52 -31.28 -19.40 -12.08
N HIS H 53 -31.23 -20.41 -12.94
CA HIS H 53 -31.15 -20.23 -14.39
C HIS H 53 -32.03 -21.26 -15.09
N PRO H 54 -33.33 -21.00 -15.20
CA PRO H 54 -34.26 -22.02 -15.72
C PRO H 54 -33.88 -22.63 -17.07
N ASP H 55 -33.25 -21.87 -17.97
CA ASP H 55 -32.94 -22.37 -19.30
C ASP H 55 -31.46 -22.71 -19.47
N THR H 56 -30.75 -22.93 -18.38
CA THR H 56 -29.32 -23.23 -18.40
C THR H 56 -29.08 -24.66 -17.93
N GLY H 57 -28.18 -25.38 -18.59
CA GLY H 57 -27.81 -26.72 -18.21
C GLY H 57 -26.45 -26.77 -17.55
N ILE H 58 -25.92 -27.99 -17.44
CA ILE H 58 -24.63 -28.20 -16.79
C ILE H 58 -24.00 -29.49 -17.32
N SER H 59 -22.70 -29.44 -17.57
CA SER H 59 -21.96 -30.57 -18.08
C SER H 59 -21.70 -31.60 -16.99
N SER H 60 -21.31 -32.81 -17.42
CA SER H 60 -21.00 -33.87 -16.47
C SER H 60 -19.81 -33.51 -15.58
N LYS H 61 -18.75 -32.96 -16.17
CA LYS H 61 -17.59 -32.55 -15.38
C LYS H 61 -17.97 -31.48 -14.38
N ALA H 62 -18.78 -30.51 -14.80
CA ALA H 62 -19.20 -29.46 -13.87
C ALA H 62 -20.04 -30.02 -12.75
N MET H 63 -20.93 -30.97 -13.04
CA MET H 63 -21.71 -31.58 -11.97
C MET H 63 -20.83 -32.37 -11.01
N GLY H 64 -19.81 -33.07 -11.54
CA GLY H 64 -18.88 -33.75 -10.66
C GLY H 64 -18.13 -32.79 -9.75
N ILE H 65 -17.77 -31.63 -10.30
CA ILE H 65 -17.10 -30.61 -9.51
C ILE H 65 -18.03 -30.03 -8.46
N MET H 66 -19.30 -29.85 -8.82
CA MET H 66 -20.27 -29.35 -7.83
C MET H 66 -20.46 -30.35 -6.70
N ASN H 67 -20.49 -31.64 -7.03
CA ASN H 67 -20.63 -32.65 -5.98
C ASN H 67 -19.40 -32.66 -5.08
N SER H 68 -18.21 -32.63 -5.67
CA SER H 68 -16.99 -32.50 -4.88
C SER H 68 -17.03 -31.28 -3.97
N PHE H 69 -17.48 -30.14 -4.51
CA PHE H 69 -17.58 -28.91 -3.73
C PHE H 69 -18.50 -29.09 -2.53
N VAL H 70 -19.71 -29.59 -2.78
CA VAL H 70 -20.68 -29.77 -1.71
C VAL H 70 -20.13 -30.71 -0.64
N ASN H 71 -19.53 -31.82 -1.06
CA ASN H 71 -18.93 -32.74 -0.09
C ASN H 71 -17.83 -32.05 0.72
N ASP H 72 -17.00 -31.24 0.05
CA ASP H 72 -15.93 -30.53 0.74
C ASP H 72 -16.48 -29.62 1.82
N ILE H 73 -17.45 -28.77 1.46
CA ILE H 73 -17.99 -27.82 2.43
C ILE H 73 -18.73 -28.56 3.54
N PHE H 74 -19.42 -29.66 3.19
CA PHE H 74 -20.04 -30.49 4.20
C PHE H 74 -19.02 -30.97 5.22
N GLU H 75 -17.93 -31.56 4.74
CA GLU H 75 -16.90 -32.06 5.64
C GLU H 75 -16.33 -30.95 6.51
N ARG H 76 -16.04 -29.79 5.91
CA ARG H 76 -15.49 -28.68 6.69
C ARG H 76 -16.43 -28.25 7.81
N ILE H 77 -17.71 -28.04 7.48
CA ILE H 77 -18.65 -27.53 8.47
C ILE H 77 -18.93 -28.58 9.54
N ALA H 78 -19.17 -29.83 9.13
CA ALA H 78 -19.44 -30.88 10.09
C ALA H 78 -18.24 -31.10 11.02
N GLY H 79 -17.03 -31.05 10.48
CA GLY H 79 -15.85 -31.24 11.30
C GLY H 79 -15.67 -30.12 12.30
N GLU H 80 -15.83 -28.88 11.86
CA GLU H 80 -15.71 -27.77 12.79
C GLU H 80 -16.79 -27.84 13.86
N ALA H 81 -18.02 -28.21 13.48
CA ALA H 81 -19.08 -28.35 14.48
C ALA H 81 -18.74 -29.44 15.49
N SER H 82 -18.17 -30.54 15.01
CA SER H 82 -17.75 -31.61 15.90
C SER H 82 -16.73 -31.12 16.90
N ARG H 83 -15.73 -30.38 16.42
CA ARG H 83 -14.72 -29.85 17.34
C ARG H 83 -15.34 -28.88 18.34
N LEU H 84 -16.22 -28.00 17.88
CA LEU H 84 -16.93 -27.11 18.80
C LEU H 84 -17.63 -27.88 19.91
N ALA H 85 -18.38 -28.93 19.54
CA ALA H 85 -19.08 -29.72 20.56
C ALA H 85 -18.11 -30.40 21.53
N HIS H 86 -17.04 -30.99 21.01
CA HIS H 86 -16.04 -31.64 21.87
C HIS H 86 -15.37 -30.65 22.81
N TYR H 87 -14.95 -29.51 22.26
CA TYR H 87 -14.26 -28.46 23.00
C TYR H 87 -15.03 -28.01 24.23
N ASN H 88 -16.36 -28.06 24.16
CA ASN H 88 -17.24 -27.55 25.19
C ASN H 88 -17.86 -28.68 25.99
N LYS H 89 -17.34 -29.90 25.83
CA LYS H 89 -17.79 -31.08 26.56
C LYS H 89 -19.30 -31.29 26.36
N ARG H 90 -19.75 -31.09 25.13
CA ARG H 90 -21.13 -31.31 24.73
C ARG H 90 -21.19 -32.51 23.80
N SER H 91 -22.23 -33.32 23.95
CA SER H 91 -22.40 -34.51 23.12
C SER H 91 -23.33 -34.29 21.94
N THR H 92 -23.94 -33.11 21.81
CA THR H 92 -24.91 -32.85 20.76
C THR H 92 -24.42 -31.75 19.83
N ILE H 93 -24.45 -32.01 18.54
CA ILE H 93 -24.27 -30.96 17.53
C ILE H 93 -25.64 -30.38 17.23
N THR H 94 -25.82 -29.10 17.52
CA THR H 94 -27.08 -28.43 17.28
C THR H 94 -26.90 -27.39 16.18
N SER H 95 -28.02 -26.74 15.82
CA SER H 95 -27.94 -25.69 14.81
C SER H 95 -27.02 -24.57 15.25
N ARG H 96 -26.83 -24.39 16.55
CA ARG H 96 -25.94 -23.35 17.06
C ARG H 96 -24.49 -23.69 16.73
N GLU H 97 -24.10 -24.95 16.90
CA GLU H 97 -22.76 -25.36 16.51
C GLU H 97 -22.54 -25.20 15.01
N ILE H 98 -23.55 -25.57 14.21
CA ILE H 98 -23.47 -25.38 12.77
C ILE H 98 -23.28 -23.91 12.44
N GLN H 99 -24.04 -23.04 13.09
CA GLN H 99 -23.99 -21.61 12.80
C GLN H 99 -22.63 -21.05 13.17
N THR H 100 -22.11 -21.42 14.33
CA THR H 100 -20.80 -20.92 14.74
C THR H 100 -19.71 -21.42 13.79
N ALA H 101 -19.78 -22.70 13.40
CA ALA H 101 -18.83 -23.23 12.43
C ALA H 101 -18.89 -22.46 11.12
N VAL H 102 -20.10 -22.15 10.66
CA VAL H 102 -20.25 -21.33 9.45
C VAL H 102 -19.60 -19.97 9.63
N ARG H 103 -19.76 -19.37 10.81
CA ARG H 103 -19.16 -18.06 11.04
C ARG H 103 -17.64 -18.14 11.02
N LEU H 104 -17.09 -19.25 11.55
CA LEU H 104 -15.65 -19.46 11.51
C LEU H 104 -15.13 -19.72 10.10
N LEU H 105 -15.86 -20.49 9.31
CA LEU H 105 -15.36 -20.93 8.02
C LEU H 105 -15.69 -19.96 6.90
N LEU H 106 -16.83 -19.29 6.98
CA LEU H 106 -17.06 -18.50 5.78
C LEU H 106 -16.64 -17.06 6.01
N PRO H 107 -16.05 -16.44 5.00
CA PRO H 107 -15.66 -15.02 5.13
C PRO H 107 -16.87 -14.10 4.97
N GLY H 108 -16.90 -13.05 5.79
CA GLY H 108 -17.75 -11.90 5.58
C GLY H 108 -19.17 -12.07 5.06
N GLU H 109 -19.40 -11.56 3.85
CA GLU H 109 -20.75 -11.54 3.30
C GLU H 109 -21.31 -12.95 3.10
N LEU H 110 -20.46 -13.91 2.74
CA LEU H 110 -20.94 -15.28 2.59
C LEU H 110 -21.43 -15.79 3.93
N ALA H 111 -20.70 -15.48 4.99
CA ALA H 111 -21.08 -15.89 6.33
C ALA H 111 -22.41 -15.26 6.73
N LYS H 112 -22.58 -13.96 6.49
CA LYS H 112 -23.83 -13.32 6.89
C LYS H 112 -25.02 -13.93 6.15
N HIS H 113 -24.93 -14.10 4.83
CA HIS H 113 -26.06 -14.69 4.13
C HIS H 113 -26.28 -16.15 4.52
N ALA H 114 -25.21 -16.93 4.71
CA ALA H 114 -25.40 -18.31 5.13
C ALA H 114 -26.09 -18.40 6.48
N VAL H 115 -25.68 -17.58 7.45
CA VAL H 115 -26.36 -17.56 8.74
C VAL H 115 -27.83 -17.17 8.57
N SER H 116 -28.10 -16.17 7.74
CA SER H 116 -29.47 -15.74 7.49
C SER H 116 -30.31 -16.88 6.90
N GLU H 117 -29.77 -17.58 5.90
CA GLU H 117 -30.48 -18.69 5.28
C GLU H 117 -30.71 -19.81 6.29
N GLY H 118 -29.70 -20.13 7.10
CA GLY H 118 -29.88 -21.18 8.08
C GLY H 118 -30.97 -20.83 9.08
N THR H 119 -30.96 -19.58 9.56
CA THR H 119 -31.96 -19.17 10.55
C THR H 119 -33.36 -19.21 9.93
N LYS H 120 -33.52 -18.64 8.75
CA LYS H 120 -34.81 -18.70 8.06
C LYS H 120 -35.28 -20.14 7.89
N ALA H 121 -34.38 -21.03 7.47
CA ALA H 121 -34.75 -22.42 7.24
C ALA H 121 -35.17 -23.12 8.53
N VAL H 122 -34.46 -22.89 9.63
CA VAL H 122 -34.84 -23.56 10.87
C VAL H 122 -36.18 -23.03 11.37
N THR H 123 -36.44 -21.72 11.21
CA THR H 123 -37.72 -21.19 11.65
C THR H 123 -38.86 -21.72 10.80
N LYS H 124 -38.66 -21.83 9.48
CA LYS H 124 -39.69 -22.38 8.64
C LYS H 124 -39.93 -23.86 8.95
N TYR H 125 -38.84 -24.61 9.20
CA TYR H 125 -38.99 -26.03 9.51
C TYR H 125 -39.71 -26.26 10.84
N THR H 126 -39.38 -25.48 11.87
CA THR H 126 -39.94 -25.76 13.20
C THR H 126 -41.46 -25.64 13.20
N SER H 127 -42.00 -24.69 12.45
CA SER H 127 -43.45 -24.54 12.33
C SER H 127 -43.96 -25.19 11.04
N LEU K 64 11.83 33.51 22.72
CA LEU K 64 11.07 34.62 22.14
C LEU K 64 11.46 35.94 22.78
N LEU K 65 11.50 37.00 21.97
CA LEU K 65 12.07 38.28 22.36
C LEU K 65 11.02 39.36 22.62
N ILE K 66 9.78 39.17 22.18
CA ILE K 66 8.69 40.07 22.52
C ILE K 66 7.95 39.49 23.72
N ARG K 67 7.50 40.36 24.62
CA ARG K 67 6.76 39.89 25.78
C ARG K 67 5.45 39.27 25.31
N LYS K 68 5.07 38.16 25.94
CA LYS K 68 3.90 37.40 25.50
C LYS K 68 2.62 38.23 25.52
N LEU K 69 2.31 38.81 26.68
CA LEU K 69 1.00 39.46 26.86
C LEU K 69 0.79 40.68 25.98
N PRO K 70 1.74 41.62 25.82
CA PRO K 70 1.47 42.74 24.90
C PRO K 70 1.32 42.28 23.46
N PHE K 71 2.07 41.25 23.04
CA PHE K 71 1.90 40.73 21.70
C PHE K 71 0.49 40.20 21.54
N GLN K 72 0.02 39.45 22.55
CA GLN K 72 -1.34 38.93 22.53
C GLN K 72 -2.35 40.06 22.45
N ARG K 73 -2.16 41.14 23.21
CA ARG K 73 -3.09 42.26 23.16
C ARG K 73 -3.15 42.83 21.76
N LEU K 74 -1.98 43.01 21.12
CA LEU K 74 -1.93 43.51 19.75
C LEU K 74 -2.67 42.59 18.80
N VAL K 75 -2.42 41.28 18.91
CA VAL K 75 -3.05 40.30 18.04
C VAL K 75 -4.57 40.38 18.18
N ARG K 76 -5.05 40.45 19.42
CA ARG K 76 -6.50 40.51 19.61
C ARG K 76 -7.09 41.80 19.06
N GLU K 77 -6.40 42.93 19.25
CA GLU K 77 -6.91 44.18 18.69
C GLU K 77 -7.04 44.08 17.17
N ILE K 78 -5.98 43.61 16.50
CA ILE K 78 -6.03 43.51 15.05
C ILE K 78 -7.13 42.55 14.62
N ALA K 79 -7.24 41.40 15.28
CA ALA K 79 -8.27 40.43 14.91
C ALA K 79 -9.67 41.03 15.06
N GLN K 80 -9.87 41.86 16.09
CA GLN K 80 -11.18 42.44 16.35
C GLN K 80 -11.69 43.28 15.19
N ASP K 81 -10.80 43.91 14.43
CA ASP K 81 -11.20 44.71 13.30
C ASP K 81 -11.53 43.90 12.06
N PHE K 82 -11.38 42.58 12.11
CA PHE K 82 -11.80 41.68 11.04
C PHE K 82 -13.05 40.88 11.37
N LYS K 83 -13.16 40.34 12.58
CA LYS K 83 -14.33 39.55 12.94
C LYS K 83 -14.59 39.76 14.43
N THR K 84 -15.85 39.99 14.77
CA THR K 84 -16.23 40.22 16.16
C THR K 84 -16.22 38.92 16.95
N ASP K 85 -16.03 39.06 18.27
CA ASP K 85 -16.28 38.00 19.24
C ASP K 85 -15.29 36.84 19.13
N LEU K 86 -14.16 37.05 18.46
CA LEU K 86 -13.19 36.00 18.25
C LEU K 86 -12.49 35.65 19.55
N ARG K 87 -12.20 34.37 19.74
CA ARG K 87 -11.28 33.93 20.77
C ARG K 87 -10.03 33.34 20.11
N PHE K 88 -9.01 33.09 20.93
CA PHE K 88 -7.77 32.56 20.41
C PHE K 88 -7.29 31.41 21.28
N GLN K 89 -6.86 30.32 20.64
CA GLN K 89 -6.10 29.29 21.32
C GLN K 89 -4.71 29.79 21.70
N SER K 90 -4.21 29.33 22.85
CA SER K 90 -2.87 29.68 23.27
C SER K 90 -1.83 29.36 22.20
N SER K 91 -1.88 28.13 21.66
CA SER K 91 -0.91 27.74 20.66
C SER K 91 -1.05 28.53 19.37
N ALA K 92 -2.21 29.16 19.13
CA ALA K 92 -2.36 30.00 17.95
C ALA K 92 -1.54 31.27 18.12
N VAL K 93 -1.58 31.84 19.33
CA VAL K 93 -0.80 33.04 19.62
C VAL K 93 0.68 32.71 19.62
N MET K 94 1.04 31.54 20.17
CA MET K 94 2.44 31.14 20.14
C MET K 94 2.94 30.94 18.71
N ALA K 95 2.06 30.40 17.84
CA ALA K 95 2.41 30.24 16.43
C ALA K 95 2.64 31.59 15.77
N LEU K 96 1.70 32.52 16.00
CA LEU K 96 1.84 33.87 15.46
C LEU K 96 3.12 34.53 15.94
N GLN K 97 3.50 34.28 17.19
CA GLN K 97 4.69 34.93 17.72
C GLN K 97 5.94 34.35 17.09
N GLU K 98 6.00 33.03 16.95
CA GLU K 98 7.13 32.41 16.27
C GLU K 98 7.26 32.96 14.85
N ALA K 99 6.14 33.05 14.13
CA ALA K 99 6.16 33.56 12.76
C ALA K 99 6.62 35.01 12.69
N CYS K 100 6.10 35.86 13.59
CA CYS K 100 6.46 37.26 13.57
C CYS K 100 7.94 37.44 13.87
N GLU K 101 8.44 36.72 14.87
CA GLU K 101 9.83 36.91 15.24
C GLU K 101 10.76 36.42 14.14
N ALA K 102 10.42 35.28 13.52
CA ALA K 102 11.23 34.81 12.39
C ALA K 102 11.23 35.80 11.23
N TYR K 103 10.06 36.38 10.93
CA TYR K 103 10.00 37.34 9.83
C TYR K 103 10.84 38.57 10.14
N LEU K 104 10.69 39.10 11.35
CA LEU K 104 11.42 40.31 11.71
C LEU K 104 12.94 40.08 11.75
N VAL K 105 13.39 38.96 12.33
CA VAL K 105 14.83 38.70 12.32
C VAL K 105 15.36 38.61 10.90
N GLY K 106 14.65 37.88 10.02
CA GLY K 106 15.11 37.82 8.63
C GLY K 106 15.12 39.17 7.94
N LEU K 107 14.07 39.98 8.16
CA LEU K 107 14.03 41.31 7.59
C LEU K 107 15.18 42.17 8.10
N PHE K 108 15.54 42.00 9.38
CA PHE K 108 16.65 42.77 9.94
C PHE K 108 17.97 42.29 9.37
N GLU K 109 18.08 41.00 9.06
CA GLU K 109 19.25 40.50 8.35
C GLU K 109 19.41 41.20 7.02
N ASP K 110 18.30 41.27 6.25
CA ASP K 110 18.37 41.90 4.94
C ASP K 110 18.67 43.39 5.09
N THR K 111 18.05 44.04 6.06
CA THR K 111 18.34 45.43 6.37
C THR K 111 19.82 45.64 6.64
N ASN K 112 20.43 44.74 7.41
CA ASN K 112 21.86 44.85 7.68
C ASN K 112 22.67 44.74 6.39
N LEU K 113 22.30 43.82 5.50
CA LEU K 113 23.00 43.74 4.22
C LEU K 113 22.85 45.04 3.43
N CYS K 114 21.68 45.66 3.50
CA CYS K 114 21.49 46.91 2.79
C CYS K 114 22.34 48.02 3.40
N ALA K 115 22.41 48.07 4.73
CA ALA K 115 23.24 49.06 5.40
C ALA K 115 24.71 48.89 5.04
N ILE K 116 25.23 47.66 5.12
CA ILE K 116 26.63 47.42 4.79
C ILE K 116 26.90 47.76 3.33
N HIS K 117 25.94 47.49 2.44
CA HIS K 117 26.09 47.87 1.04
C HIS K 117 26.41 49.36 0.88
N ALA K 118 25.78 50.21 1.70
CA ALA K 118 26.00 51.64 1.63
C ALA K 118 27.18 52.07 2.50
N LYS K 119 28.06 51.14 2.84
CA LYS K 119 29.25 51.38 3.65
C LYS K 119 28.90 51.98 5.01
N ARG K 120 27.73 51.64 5.54
CA ARG K 120 27.36 52.00 6.90
C ARG K 120 27.30 50.76 7.77
N VAL K 121 27.20 51.01 9.08
CA VAL K 121 27.01 49.95 10.07
C VAL K 121 25.73 50.15 10.86
N THR K 122 24.99 51.22 10.58
CA THR K 122 23.75 51.57 11.26
C THR K 122 22.59 51.34 10.30
N ILE K 123 21.62 50.57 10.71
CA ILE K 123 20.46 50.33 9.87
C ILE K 123 19.52 51.52 10.00
N MET K 124 18.89 51.89 8.89
CA MET K 124 18.05 53.08 8.81
C MET K 124 16.75 52.69 8.11
N PRO K 125 15.69 53.48 8.27
CA PRO K 125 14.43 53.16 7.57
C PRO K 125 14.57 52.93 6.08
N LYS K 126 15.41 53.70 5.38
CA LYS K 126 15.56 53.48 3.95
C LYS K 126 16.12 52.10 3.66
N ASP K 127 16.91 51.54 4.58
CA ASP K 127 17.41 50.18 4.41
C ASP K 127 16.27 49.17 4.46
N ILE K 128 15.39 49.31 5.46
CA ILE K 128 14.23 48.45 5.58
C ILE K 128 13.36 48.57 4.33
N GLN K 129 13.14 49.81 3.88
CA GLN K 129 12.25 50.02 2.73
C GLN K 129 12.85 49.40 1.46
N LEU K 130 14.16 49.49 1.30
CA LEU K 130 14.79 48.85 0.15
C LEU K 130 14.66 47.34 0.24
N ALA K 131 14.91 46.77 1.42
CA ALA K 131 14.82 45.32 1.60
C ALA K 131 13.40 44.84 1.27
N ARG K 132 12.40 45.58 1.73
CA ARG K 132 11.01 45.18 1.50
C ARG K 132 10.62 45.36 0.05
N ARG K 133 11.14 46.39 -0.62
CA ARG K 133 10.86 46.55 -2.05
C ARG K 133 11.44 45.38 -2.83
N ILE K 134 12.68 44.96 -2.50
CA ILE K 134 13.29 43.87 -3.27
C ILE K 134 12.62 42.55 -2.94
N ARG K 135 12.16 42.37 -1.70
CA ARG K 135 11.41 41.16 -1.38
C ARG K 135 10.08 41.09 -2.12
N GLY K 136 9.59 42.21 -2.64
CA GLY K 136 8.30 42.25 -3.29
C GLY K 136 7.15 42.56 -2.36
N GLU K 137 7.42 43.10 -1.18
CA GLU K 137 6.38 43.53 -0.26
C GLU K 137 5.93 44.95 -0.58
N ASN L 29 -1.94 50.13 20.79
CA ASN L 29 -1.46 48.84 21.25
C ASN L 29 -0.17 48.46 20.55
N ILE L 30 0.06 49.09 19.39
CA ILE L 30 1.28 48.84 18.64
C ILE L 30 2.47 49.30 19.46
N GLN L 31 2.26 50.24 20.38
CA GLN L 31 3.30 50.77 21.23
C GLN L 31 3.71 49.78 22.31
N GLY L 32 2.96 48.69 22.47
CA GLY L 32 3.33 47.63 23.40
C GLY L 32 4.52 46.82 22.92
N ILE L 33 4.84 46.91 21.63
CA ILE L 33 6.08 46.36 21.09
C ILE L 33 7.16 47.36 21.43
N THR L 34 7.80 47.18 22.59
CA THR L 34 8.60 48.24 23.18
C THR L 34 9.93 48.41 22.44
N LYS L 35 10.56 49.56 22.70
CA LYS L 35 11.90 49.83 22.17
C LYS L 35 12.94 48.77 22.53
N PRO L 36 13.07 48.32 23.79
CA PRO L 36 14.08 47.30 24.07
C PRO L 36 13.80 45.96 23.41
N ALA L 37 12.52 45.64 23.17
CA ALA L 37 12.20 44.38 22.51
C ALA L 37 12.66 44.41 21.05
N ILE L 38 12.40 45.52 20.35
CA ILE L 38 12.83 45.65 18.97
C ILE L 38 14.35 45.65 18.90
N ARG L 39 14.99 46.32 19.87
CA ARG L 39 16.45 46.27 19.95
C ARG L 39 16.94 44.83 20.10
N ARG L 40 16.31 44.03 20.95
CA ARG L 40 16.73 42.65 21.12
C ARG L 40 16.57 41.87 19.82
N LEU L 41 15.44 42.04 19.14
CA LEU L 41 15.24 41.41 17.84
C LEU L 41 16.33 41.79 16.85
N ALA L 42 16.72 43.06 16.83
CA ALA L 42 17.76 43.50 15.91
C ALA L 42 19.11 42.90 16.29
N ARG L 43 19.40 42.82 17.59
CA ARG L 43 20.61 42.17 18.06
C ARG L 43 20.68 40.72 17.59
N ARG L 44 19.57 39.99 17.69
CA ARG L 44 19.59 38.62 17.18
C ARG L 44 19.82 38.60 15.67
N GLY L 45 19.38 39.65 14.97
CA GLY L 45 19.65 39.79 13.56
C GLY L 45 21.03 40.30 13.21
N GLY L 46 21.86 40.58 14.21
CA GLY L 46 23.23 40.95 13.98
C GLY L 46 23.47 42.44 13.81
N VAL L 47 22.49 43.27 14.15
CA VAL L 47 22.56 44.71 13.96
C VAL L 47 23.28 45.34 15.15
N LYS L 48 24.26 46.18 14.86
CA LYS L 48 25.09 46.79 15.89
C LYS L 48 24.64 48.19 16.28
N ARG L 49 24.07 48.95 15.35
CA ARG L 49 23.65 50.32 15.60
C ARG L 49 22.31 50.54 14.94
N ILE L 50 21.44 51.29 15.61
CA ILE L 50 20.03 51.37 15.24
C ILE L 50 19.60 52.83 15.32
N SER L 51 19.13 53.39 14.21
CA SER L 51 18.62 54.75 14.24
C SER L 51 17.38 54.82 15.13
N GLY L 52 17.19 55.96 15.78
CA GLY L 52 16.03 56.12 16.65
C GLY L 52 14.72 55.98 15.93
N LEU L 53 14.70 56.29 14.64
CA LEU L 53 13.49 56.26 13.83
C LEU L 53 13.13 54.85 13.38
N ILE L 54 14.04 53.89 13.59
CA ILE L 54 13.81 52.50 13.16
C ILE L 54 12.58 51.90 13.82
N TYR L 55 12.39 52.17 15.11
CA TYR L 55 11.39 51.45 15.90
C TYR L 55 9.98 51.63 15.35
N GLU L 56 9.58 52.87 15.06
CA GLU L 56 8.24 53.07 14.50
C GLU L 56 8.11 52.34 13.17
N GLU L 57 9.16 52.35 12.35
CA GLU L 57 9.06 51.67 11.06
C GLU L 57 8.85 50.18 11.29
N THR L 58 9.61 49.59 12.22
CA THR L 58 9.47 48.17 12.49
C THR L 58 8.06 47.88 12.97
N ARG L 59 7.51 48.76 13.80
CA ARG L 59 6.18 48.51 14.34
C ARG L 59 5.19 48.47 13.19
N GLY L 60 5.34 49.42 12.25
CA GLY L 60 4.44 49.45 11.10
C GLY L 60 4.54 48.17 10.30
N VAL L 61 5.78 47.74 10.03
CA VAL L 61 5.99 46.53 9.24
C VAL L 61 5.34 45.35 9.94
N LEU L 62 5.55 45.25 11.26
CA LEU L 62 5.00 44.13 12.01
C LEU L 62 3.49 44.14 11.90
N LYS L 63 2.90 45.34 12.03
CA LYS L 63 1.46 45.47 12.01
C LYS L 63 0.93 44.98 10.66
N VAL L 64 1.61 45.37 9.58
CA VAL L 64 1.16 44.96 8.24
C VAL L 64 1.19 43.43 8.15
N PHE L 65 2.31 42.85 8.58
CA PHE L 65 2.45 41.39 8.53
C PHE L 65 1.30 40.75 9.29
N LEU L 66 1.06 41.23 10.51
CA LEU L 66 0.07 40.61 11.36
C LEU L 66 -1.28 40.69 10.68
N GLU L 67 -1.63 41.86 10.13
CA GLU L 67 -2.93 42.00 9.48
C GLU L 67 -3.07 40.90 8.45
N ASN L 68 -2.08 40.76 7.57
CA ASN L 68 -2.20 39.80 6.48
C ASN L 68 -2.37 38.37 7.03
N VAL L 69 -1.49 37.98 7.95
CA VAL L 69 -1.52 36.61 8.46
C VAL L 69 -2.86 36.38 9.15
N ILE L 70 -3.29 37.32 9.99
CA ILE L 70 -4.48 37.11 10.80
C ILE L 70 -5.70 37.08 9.89
N ARG L 71 -5.71 37.92 8.85
CA ARG L 71 -6.80 37.93 7.89
C ARG L 71 -6.98 36.54 7.32
N ASP L 72 -5.88 35.92 6.93
CA ASP L 72 -6.01 34.57 6.39
C ASP L 72 -6.45 33.60 7.47
N ALA L 73 -5.87 33.70 8.67
CA ALA L 73 -6.21 32.75 9.72
C ALA L 73 -7.70 32.80 10.02
N VAL L 74 -8.24 34.01 10.18
CA VAL L 74 -9.65 34.16 10.52
C VAL L 74 -10.51 33.70 9.36
N THR L 75 -10.05 33.92 8.12
CA THR L 75 -10.81 33.45 6.98
C THR L 75 -10.98 31.94 7.06
N TYR L 76 -9.88 31.23 7.34
CA TYR L 76 -9.97 29.78 7.50
C TYR L 76 -10.91 29.42 8.64
N THR L 77 -10.82 30.14 9.77
CA THR L 77 -11.69 29.83 10.90
C THR L 77 -13.16 29.92 10.50
N GLU L 78 -13.50 30.94 9.71
CA GLU L 78 -14.91 31.13 9.36
C GLU L 78 -15.38 30.02 8.44
N HIS L 79 -14.51 29.57 7.54
CA HIS L 79 -14.89 28.48 6.65
C HIS L 79 -15.19 27.22 7.45
N ALA L 80 -14.45 26.98 8.53
CA ALA L 80 -14.64 25.79 9.36
C ALA L 80 -15.82 25.95 10.31
N LYS L 81 -16.50 27.09 10.26
CA LYS L 81 -17.61 27.43 11.13
C LYS L 81 -17.23 27.31 12.61
N ARG L 82 -16.06 27.82 12.95
CA ARG L 82 -15.58 27.85 14.31
C ARG L 82 -15.48 29.29 14.80
N LYS L 83 -15.41 29.45 16.12
CA LYS L 83 -15.19 30.75 16.72
C LYS L 83 -13.82 30.87 17.39
N THR L 84 -13.02 29.81 17.35
CA THR L 84 -11.70 29.79 17.97
C THR L 84 -10.65 29.59 16.88
N VAL L 85 -9.76 30.57 16.74
CA VAL L 85 -8.62 30.43 15.82
C VAL L 85 -7.67 29.39 16.39
N THR L 86 -7.36 28.37 15.60
CA THR L 86 -6.46 27.33 16.07
C THR L 86 -5.04 27.54 15.55
N ALA L 87 -4.10 26.83 16.19
CA ALA L 87 -2.71 26.84 15.72
C ALA L 87 -2.58 26.36 14.28
N MET L 88 -3.37 25.35 13.90
CA MET L 88 -3.27 24.83 12.54
C MET L 88 -3.71 25.85 11.51
N ASP L 89 -4.76 26.63 11.82
CA ASP L 89 -5.18 27.69 10.91
C ASP L 89 -4.02 28.65 10.65
N VAL L 90 -3.31 29.02 11.70
CA VAL L 90 -2.19 29.95 11.57
C VAL L 90 -1.09 29.32 10.74
N VAL L 91 -0.78 28.05 10.99
CA VAL L 91 0.25 27.36 10.22
C VAL L 91 -0.12 27.34 8.75
N TYR L 92 -1.39 27.07 8.44
CA TYR L 92 -1.85 27.08 7.06
C TYR L 92 -1.73 28.48 6.45
N ALA L 93 -2.07 29.50 7.21
CA ALA L 93 -1.94 30.88 6.73
C ALA L 93 -0.49 31.16 6.37
N LEU L 94 0.44 30.75 7.26
CA LEU L 94 1.86 30.99 7.03
C LEU L 94 2.31 30.25 5.78
N LYS L 95 1.86 29.00 5.62
CA LYS L 95 2.22 28.22 4.45
C LYS L 95 1.78 28.92 3.18
N ARG L 96 0.54 29.43 3.16
CA ARG L 96 0.06 30.04 1.92
C ARG L 96 0.70 31.40 1.67
N GLN L 97 1.40 31.95 2.64
CA GLN L 97 2.17 33.18 2.42
C GLN L 97 3.64 32.84 2.17
N THR M 20 -28.57 26.50 -21.45
CA THR M 20 -27.25 26.32 -20.89
C THR M 20 -27.17 26.86 -19.47
N ARG M 21 -26.25 26.31 -18.67
CA ARG M 21 -26.10 26.80 -17.29
C ARG M 21 -25.55 28.21 -17.26
N SER M 22 -24.68 28.57 -18.20
CA SER M 22 -24.18 29.94 -18.27
C SER M 22 -25.34 30.91 -18.47
N SER M 23 -26.27 30.56 -19.36
CA SER M 23 -27.45 31.38 -19.60
C SER M 23 -28.35 31.42 -18.37
N ARG M 24 -28.51 30.28 -17.69
CA ARG M 24 -29.30 30.25 -16.47
C ARG M 24 -28.69 31.15 -15.40
N ALA M 25 -27.37 31.31 -15.42
CA ALA M 25 -26.70 32.15 -14.43
C ALA M 25 -26.47 33.56 -14.94
N GLY M 26 -26.80 33.82 -16.20
CA GLY M 26 -26.62 35.13 -16.80
C GLY M 26 -25.17 35.45 -17.11
N LEU M 27 -24.37 34.44 -17.43
CA LEU M 27 -22.94 34.59 -17.60
C LEU M 27 -22.56 34.35 -19.06
N GLN M 28 -21.36 34.80 -19.39
CA GLN M 28 -20.73 34.54 -20.68
C GLN M 28 -19.68 33.45 -20.61
N PHE M 29 -18.99 33.31 -19.47
CA PHE M 29 -18.01 32.25 -19.38
C PHE M 29 -18.70 30.89 -19.22
N PRO M 30 -18.10 29.83 -19.76
CA PRO M 30 -18.78 28.55 -19.87
C PRO M 30 -18.78 27.74 -18.57
N VAL M 31 -19.93 27.68 -17.90
CA VAL M 31 -20.01 26.97 -16.62
C VAL M 31 -19.74 25.49 -16.84
N GLY M 32 -20.33 24.91 -17.89
CA GLY M 32 -20.12 23.50 -18.20
C GLY M 32 -18.65 23.16 -18.37
N ARG M 33 -17.92 23.99 -19.12
CA ARG M 33 -16.51 23.71 -19.37
C ARG M 33 -15.72 23.75 -18.07
N VAL M 34 -15.97 24.76 -17.23
CA VAL M 34 -15.30 24.86 -15.93
C VAL M 34 -15.62 23.64 -15.07
N HIS M 35 -16.88 23.20 -15.10
CA HIS M 35 -17.27 22.00 -14.35
C HIS M 35 -16.50 20.78 -14.83
N ARG M 36 -16.40 20.60 -16.16
CA ARG M 36 -15.67 19.45 -16.69
C ARG M 36 -14.21 19.50 -16.28
N LEU M 37 -13.61 20.69 -16.34
CA LEU M 37 -12.20 20.82 -15.99
C LEU M 37 -11.98 20.56 -14.50
N LEU M 38 -12.94 20.96 -13.66
CA LEU M 38 -12.86 20.63 -12.24
C LEU M 38 -12.98 19.13 -12.02
N ARG M 39 -13.90 18.48 -12.73
CA ARG M 39 -14.07 17.04 -12.59
C ARG M 39 -12.81 16.30 -13.00
N LYS M 40 -12.13 16.77 -14.06
CA LYS M 40 -11.02 16.02 -14.61
C LYS M 40 -9.67 16.53 -14.12
N GLY M 41 -9.65 17.54 -13.25
CA GLY M 41 -8.38 18.00 -12.73
C GLY M 41 -7.93 17.31 -11.47
N ASN M 42 -8.71 16.33 -11.00
CA ASN M 42 -8.46 15.58 -9.78
C ASN M 42 -8.22 16.51 -8.59
N TYR M 43 -9.17 17.41 -8.35
CA TYR M 43 -9.09 18.34 -7.22
C TYR M 43 -9.85 17.82 -6.02
N SER M 44 -10.98 17.16 -6.25
CA SER M 44 -11.77 16.58 -5.17
C SER M 44 -12.64 15.47 -5.74
N GLU M 45 -13.13 14.61 -4.85
CA GLU M 45 -14.00 13.53 -5.28
C GLU M 45 -15.35 14.04 -5.75
N ARG M 46 -15.85 15.12 -5.15
CA ARG M 46 -17.16 15.66 -5.52
C ARG M 46 -17.06 17.16 -5.74
N VAL M 47 -17.93 17.68 -6.61
CA VAL M 47 -17.97 19.09 -6.95
C VAL M 47 -19.41 19.58 -6.87
N GLY M 48 -19.63 20.63 -6.08
CA GLY M 48 -20.96 21.16 -5.95
C GLY M 48 -21.46 21.85 -7.21
N ALA M 49 -22.79 21.99 -7.30
CA ALA M 49 -23.39 22.55 -8.50
C ALA M 49 -23.07 24.03 -8.64
N GLY M 50 -22.89 24.72 -7.51
CA GLY M 50 -22.61 26.14 -7.53
C GLY M 50 -21.17 26.49 -7.78
N ALA M 51 -20.26 25.55 -7.52
CA ALA M 51 -18.83 25.84 -7.61
C ALA M 51 -18.41 26.28 -9.01
N PRO M 52 -18.77 25.59 -10.10
CA PRO M 52 -18.32 26.08 -11.40
C PRO M 52 -19.00 27.38 -11.80
N VAL M 53 -20.22 27.62 -11.30
CA VAL M 53 -20.89 28.89 -11.58
C VAL M 53 -20.13 30.04 -10.91
N TYR M 54 -19.83 29.87 -9.64
CA TYR M 54 -19.08 30.87 -8.88
C TYR M 54 -17.74 31.13 -9.53
N LEU M 55 -17.00 30.05 -9.83
CA LEU M 55 -15.68 30.17 -10.44
C LEU M 55 -15.77 30.89 -11.78
N ALA M 56 -16.74 30.53 -12.62
CA ALA M 56 -16.87 31.18 -13.92
C ALA M 56 -17.16 32.66 -13.73
N ALA M 57 -17.98 33.01 -12.74
CA ALA M 57 -18.30 34.41 -12.51
C ALA M 57 -17.07 35.19 -12.09
N VAL M 58 -16.25 34.61 -11.20
CA VAL M 58 -15.04 35.30 -10.74
C VAL M 58 -14.07 35.46 -11.89
N LEU M 59 -13.85 34.40 -12.67
CA LEU M 59 -12.94 34.48 -13.80
C LEU M 59 -13.41 35.54 -14.80
N GLU M 60 -14.71 35.59 -15.04
CA GLU M 60 -15.27 36.57 -15.96
C GLU M 60 -15.07 37.98 -15.44
N TYR M 61 -15.34 38.21 -14.16
CA TYR M 61 -15.13 39.54 -13.60
C TYR M 61 -13.69 39.98 -13.76
N LEU M 62 -12.73 39.13 -13.38
CA LEU M 62 -11.33 39.55 -13.44
C LEU M 62 -10.90 39.79 -14.88
N THR M 63 -11.35 38.93 -15.79
CA THR M 63 -11.08 39.12 -17.21
C THR M 63 -11.64 40.45 -17.69
N ALA M 64 -12.85 40.79 -17.26
CA ALA M 64 -13.50 42.03 -17.66
C ALA M 64 -12.74 43.24 -17.13
N GLU M 65 -12.24 43.15 -15.91
CA GLU M 65 -11.52 44.28 -15.34
C GLU M 65 -10.21 44.51 -16.08
N ILE M 66 -9.44 43.45 -16.34
CA ILE M 66 -8.20 43.64 -17.10
C ILE M 66 -8.49 44.16 -18.50
N LEU M 67 -9.51 43.61 -19.17
CA LEU M 67 -9.78 44.06 -20.53
C LEU M 67 -10.25 45.51 -20.54
N GLU M 68 -11.03 45.90 -19.53
CA GLU M 68 -11.45 47.30 -19.39
C GLU M 68 -10.23 48.21 -19.31
N LEU M 69 -9.32 47.91 -18.38
CA LEU M 69 -8.14 48.76 -18.22
C LEU M 69 -7.26 48.74 -19.46
N ALA M 70 -7.09 47.57 -20.08
CA ALA M 70 -6.25 47.49 -21.27
C ALA M 70 -6.86 48.27 -22.42
N GLY M 71 -8.18 48.21 -22.57
CA GLY M 71 -8.85 49.04 -23.57
C GLY M 71 -8.65 50.51 -23.31
N ASN M 72 -8.80 50.92 -22.05
CA ASN M 72 -8.52 52.31 -21.69
C ASN M 72 -7.12 52.71 -22.13
N ALA M 73 -6.13 51.88 -21.80
CA ALA M 73 -4.75 52.19 -22.19
C ALA M 73 -4.61 52.26 -23.70
N ALA M 74 -5.27 51.35 -24.41
CA ALA M 74 -5.21 51.31 -25.87
C ALA M 74 -5.74 52.60 -26.47
N ARG M 75 -6.86 53.10 -25.93
CA ARG M 75 -7.42 54.35 -26.41
C ARG M 75 -6.53 55.53 -26.06
N ASP M 76 -5.89 55.50 -24.88
CA ASP M 76 -4.94 56.55 -24.55
C ASP M 76 -3.81 56.63 -25.57
N ASN M 77 -3.46 55.48 -26.16
CA ASN M 77 -2.37 55.42 -27.18
C ASN M 77 -2.97 55.54 -28.58
N LYS M 78 -4.23 55.97 -28.70
CA LYS M 78 -4.95 56.10 -29.96
C LYS M 78 -4.83 54.81 -30.78
N LYS M 79 -4.90 53.68 -30.10
CA LYS M 79 -4.95 52.38 -30.76
C LYS M 79 -6.32 51.76 -30.53
N THR M 80 -6.85 51.10 -31.57
CA THR M 80 -8.13 50.42 -31.46
C THR M 80 -7.97 48.94 -31.10
N ARG M 81 -6.77 48.37 -31.21
CA ARG M 81 -6.54 46.98 -30.88
C ARG M 81 -5.66 46.85 -29.64
N ILE M 82 -6.12 46.05 -28.67
CA ILE M 82 -5.31 45.75 -27.50
C ILE M 82 -4.15 44.83 -27.88
N ILE M 83 -2.93 45.24 -27.53
CA ILE M 83 -1.74 44.43 -27.75
C ILE M 83 -1.11 44.15 -26.39
N PRO M 84 -0.12 43.25 -26.29
CA PRO M 84 0.48 42.97 -24.97
C PRO M 84 0.96 44.20 -24.21
N ARG M 85 1.47 45.22 -24.90
CA ARG M 85 1.87 46.44 -24.22
C ARG M 85 0.75 47.05 -23.39
N HIS M 86 -0.46 47.10 -23.95
CA HIS M 86 -1.60 47.63 -23.20
C HIS M 86 -1.94 46.75 -22.01
N LEU M 87 -1.79 45.43 -22.14
CA LEU M 87 -2.05 44.55 -21.00
C LEU M 87 -1.04 44.80 -19.88
N GLN M 88 0.23 44.97 -20.24
CA GLN M 88 1.25 45.23 -19.23
C GLN M 88 1.00 46.56 -18.54
N LEU M 89 0.71 47.60 -19.33
CA LEU M 89 0.38 48.90 -18.76
C LEU M 89 -0.82 48.80 -17.82
N ALA M 90 -1.88 48.15 -18.26
CA ALA M 90 -3.08 48.00 -17.45
C ALA M 90 -2.78 47.30 -16.13
N ILE M 91 -2.00 46.22 -16.18
CA ILE M 91 -1.75 45.43 -14.98
C ILE M 91 -0.84 46.17 -14.01
N ARG M 92 0.26 46.73 -14.50
CA ARG M 92 1.23 47.34 -13.58
C ARG M 92 0.78 48.68 -12.98
N ASN M 93 -0.08 49.43 -13.67
CA ASN M 93 -0.56 50.69 -13.10
C ASN M 93 -1.76 50.52 -12.18
N ASP M 94 -2.25 49.30 -11.96
CA ASP M 94 -3.35 49.07 -11.04
C ASP M 94 -2.83 48.22 -9.89
N GLU M 95 -2.90 48.79 -8.67
CA GLU M 95 -2.25 48.21 -7.51
C GLU M 95 -2.73 46.78 -7.20
N GLU M 96 -4.02 46.53 -7.31
CA GLU M 96 -4.51 45.21 -6.91
C GLU M 96 -4.22 44.16 -7.97
N LEU M 97 -4.36 44.52 -9.25
CA LEU M 97 -3.97 43.58 -10.29
C LEU M 97 -2.47 43.33 -10.27
N ASN M 98 -1.68 44.39 -10.03
CA ASN M 98 -0.23 44.23 -9.95
C ASN M 98 0.13 43.30 -8.79
N LYS M 99 -0.56 43.44 -7.66
CA LYS M 99 -0.36 42.53 -6.54
C LYS M 99 -0.72 41.10 -6.92
N LEU M 100 -1.90 40.90 -7.51
CA LEU M 100 -2.34 39.57 -7.88
C LEU M 100 -1.36 38.92 -8.85
N LEU M 101 -0.80 39.69 -9.78
CA LEU M 101 0.11 39.18 -10.79
C LEU M 101 1.53 39.64 -10.52
N GLY M 102 1.91 39.70 -9.24
CA GLY M 102 3.22 40.20 -8.86
C GLY M 102 4.37 39.36 -9.37
N ARG M 103 4.15 38.05 -9.51
CA ARG M 103 5.18 37.12 -9.97
C ARG M 103 4.84 36.55 -11.34
N VAL M 104 4.25 37.38 -12.20
CA VAL M 104 3.79 36.97 -13.52
C VAL M 104 4.50 37.81 -14.57
N THR M 105 4.96 37.15 -15.63
CA THR M 105 5.57 37.82 -16.77
C THR M 105 4.58 37.91 -17.92
N ILE M 106 4.31 39.13 -18.37
CA ILE M 106 3.49 39.34 -19.55
C ILE M 106 4.41 39.38 -20.76
N ALA M 107 4.35 38.34 -21.59
CA ALA M 107 5.22 38.28 -22.76
C ALA M 107 4.98 39.48 -23.67
N GLN M 108 6.08 40.05 -24.18
CA GLN M 108 6.07 41.24 -25.03
C GLN M 108 5.39 42.42 -24.35
N GLY M 109 5.40 42.43 -23.01
CA GLY M 109 4.77 43.50 -22.27
C GLY M 109 5.67 44.71 -22.01
N GLY M 110 6.98 44.48 -21.96
CA GLY M 110 7.90 45.52 -21.56
C GLY M 110 7.69 45.92 -20.11
N VAL M 111 8.13 47.14 -19.78
CA VAL M 111 7.99 47.67 -18.43
C VAL M 111 7.41 49.08 -18.55
N LEU M 112 6.95 49.61 -17.42
CA LEU M 112 6.49 50.99 -17.34
C LEU M 112 7.67 51.94 -17.42
N PRO M 113 7.57 53.03 -18.16
CA PRO M 113 8.61 54.07 -18.13
C PRO M 113 8.80 54.66 -16.72
N ASN M 114 10.05 54.63 -16.22
CA ASN M 114 10.32 55.15 -14.89
C ASN M 114 11.82 55.37 -14.71
N ILE M 115 12.22 56.62 -14.53
CA ILE M 115 13.61 56.98 -14.32
C ILE M 115 13.73 57.62 -12.94
N GLN M 116 14.67 57.10 -12.14
CA GLN M 116 14.92 57.63 -10.81
C GLN M 116 15.34 59.09 -10.87
N ALA M 117 14.74 59.91 -10.00
CA ALA M 117 14.94 61.35 -10.06
C ALA M 117 16.41 61.71 -9.97
N VAL M 118 17.19 60.95 -9.20
CA VAL M 118 18.61 61.23 -9.04
C VAL M 118 19.36 61.06 -10.35
N LEU M 119 18.78 60.34 -11.30
CA LEU M 119 19.45 60.07 -12.57
C LEU M 119 19.27 61.20 -13.57
N LEU M 120 18.32 62.10 -13.35
CA LEU M 120 18.08 63.17 -14.29
C LEU M 120 19.15 64.26 -14.16
N PRO M 121 19.42 65.01 -15.24
CA PRO M 121 20.44 66.07 -15.18
C PRO M 121 20.07 67.19 -14.21
N SER N 36 -7.71 16.89 -34.16
CA SER N 36 -6.94 18.00 -33.60
C SER N 36 -7.84 19.15 -33.19
N ARG N 37 -8.40 19.05 -31.98
CA ARG N 37 -9.28 20.08 -31.43
C ARG N 37 -8.68 20.60 -30.14
N LYS N 38 -8.37 21.90 -30.12
CA LYS N 38 -7.78 22.58 -28.97
C LYS N 38 -8.78 23.59 -28.45
N GLU N 39 -9.22 23.40 -27.21
CA GLU N 39 -10.21 24.28 -26.60
C GLU N 39 -9.53 25.50 -25.99
N SER N 40 -10.25 26.62 -26.00
CA SER N 40 -9.78 27.82 -25.32
C SER N 40 -10.97 28.69 -24.92
N TYR N 41 -10.66 29.76 -24.18
CA TYR N 41 -11.62 30.74 -23.69
C TYR N 41 -11.80 31.94 -24.63
N SER N 42 -11.25 31.89 -25.85
CA SER N 42 -11.21 33.05 -26.73
C SER N 42 -12.59 33.68 -26.96
N ILE N 43 -13.59 32.88 -27.29
CA ILE N 43 -14.90 33.47 -27.63
C ILE N 43 -15.56 34.12 -26.41
N TYR N 44 -15.34 33.58 -25.22
CA TYR N 44 -15.97 34.16 -24.05
C TYR N 44 -15.28 35.46 -23.63
N VAL N 45 -13.95 35.48 -23.71
CA VAL N 45 -13.21 36.71 -23.46
C VAL N 45 -13.63 37.78 -24.46
N TYR N 46 -13.82 37.38 -25.72
CA TYR N 46 -14.20 38.34 -26.75
C TYR N 46 -15.60 38.89 -26.48
N LYS N 47 -16.51 38.03 -26.02
CA LYS N 47 -17.85 38.49 -25.67
C LYS N 47 -17.78 39.51 -24.54
N VAL N 48 -16.96 39.23 -23.53
CA VAL N 48 -16.77 40.18 -22.44
C VAL N 48 -16.20 41.50 -22.97
N LEU N 49 -15.21 41.42 -23.86
CA LEU N 49 -14.65 42.62 -24.47
C LEU N 49 -15.72 43.47 -25.15
N LYS N 50 -16.60 42.81 -25.92
CA LYS N 50 -17.68 43.54 -26.57
C LYS N 50 -18.66 44.12 -25.55
N GLN N 51 -18.81 43.48 -24.41
CA GLN N 51 -19.61 44.09 -23.35
C GLN N 51 -18.96 45.35 -22.80
N VAL N 52 -17.65 45.30 -22.55
CA VAL N 52 -16.99 46.42 -21.89
C VAL N 52 -16.48 47.48 -22.85
N HIS N 53 -16.11 47.11 -24.08
CA HIS N 53 -15.62 48.07 -25.08
C HIS N 53 -16.16 47.70 -26.45
N PRO N 54 -17.39 48.10 -26.76
CA PRO N 54 -18.06 47.64 -27.98
C PRO N 54 -17.29 47.84 -29.29
N ASP N 55 -16.51 48.90 -29.44
CA ASP N 55 -15.82 49.16 -30.70
C ASP N 55 -14.32 48.86 -30.56
N THR N 56 -13.95 48.04 -29.58
CA THR N 56 -12.55 47.71 -29.34
C THR N 56 -12.31 46.24 -29.63
N GLY N 57 -11.17 45.95 -30.28
CA GLY N 57 -10.77 44.59 -30.56
C GLY N 57 -9.62 44.14 -29.67
N ILE N 58 -9.00 43.04 -30.08
CA ILE N 58 -7.90 42.47 -29.32
C ILE N 58 -7.03 41.62 -30.25
N SER N 59 -5.72 41.74 -30.09
CA SER N 59 -4.74 41.02 -30.89
C SER N 59 -4.63 39.56 -30.46
N SER N 60 -4.03 38.74 -31.34
CA SER N 60 -3.86 37.33 -31.02
C SER N 60 -2.94 37.13 -29.82
N LYS N 61 -1.83 37.89 -29.75
CA LYS N 61 -0.94 37.79 -28.60
C LYS N 61 -1.67 38.14 -27.32
N ALA N 62 -2.47 39.22 -27.36
CA ALA N 62 -3.23 39.64 -26.19
C ALA N 62 -4.25 38.59 -25.83
N MET N 63 -4.87 37.97 -26.83
CA MET N 63 -5.82 36.90 -26.56
C MET N 63 -5.13 35.73 -25.87
N GLY N 64 -3.90 35.44 -26.28
CA GLY N 64 -3.12 34.41 -25.60
C GLY N 64 -2.83 34.76 -24.15
N ILE N 65 -2.54 36.04 -23.89
CA ILE N 65 -2.30 36.47 -22.52
C ILE N 65 -3.58 36.35 -21.69
N MET N 66 -4.73 36.70 -22.28
CA MET N 66 -5.98 36.56 -21.53
C MET N 66 -6.29 35.10 -21.22
N ASN N 67 -6.03 34.20 -22.18
CA ASN N 67 -6.26 32.79 -21.92
C ASN N 67 -5.32 32.27 -20.82
N SER N 68 -4.04 32.63 -20.89
CA SER N 68 -3.12 32.31 -19.81
C SER N 68 -3.63 32.83 -18.48
N PHE N 69 -4.13 34.07 -18.44
CA PHE N 69 -4.64 34.66 -17.22
C PHE N 69 -5.77 33.83 -16.63
N VAL N 70 -6.78 33.54 -17.45
CA VAL N 70 -7.94 32.78 -16.96
C VAL N 70 -7.50 31.41 -16.46
N ASN N 71 -6.64 30.71 -17.22
CA ASN N 71 -6.16 29.42 -16.74
C ASN N 71 -5.39 29.52 -15.42
N ASP N 72 -4.53 30.53 -15.30
CA ASP N 72 -3.77 30.72 -14.07
C ASP N 72 -4.68 30.92 -12.86
N ILE N 73 -5.62 31.86 -12.96
CA ILE N 73 -6.49 32.14 -11.84
C ILE N 73 -7.38 30.94 -11.55
N PHE N 74 -7.82 30.23 -12.60
CA PHE N 74 -8.58 29.00 -12.40
C PHE N 74 -7.79 28.05 -11.50
N GLU N 75 -6.55 27.76 -11.88
CA GLU N 75 -5.74 26.83 -11.08
C GLU N 75 -5.58 27.31 -9.65
N ARG N 76 -5.26 28.60 -9.47
CA ARG N 76 -5.07 29.11 -8.12
C ARG N 76 -6.32 28.95 -7.27
N ILE N 77 -7.48 29.37 -7.79
CA ILE N 77 -8.70 29.34 -6.99
C ILE N 77 -9.13 27.90 -6.73
N ALA N 78 -9.12 27.06 -7.76
CA ALA N 78 -9.53 25.67 -7.59
C ALA N 78 -8.61 24.94 -6.63
N GLY N 79 -7.30 25.20 -6.71
CA GLY N 79 -6.37 24.53 -5.80
C GLY N 79 -6.59 24.96 -4.37
N GLU N 80 -6.76 26.26 -4.14
CA GLU N 80 -7.02 26.72 -2.79
C GLU N 80 -8.34 26.15 -2.26
N ALA N 81 -9.36 26.08 -3.11
CA ALA N 81 -10.63 25.50 -2.66
C ALA N 81 -10.47 24.04 -2.29
N SER N 82 -9.70 23.29 -3.08
CA SER N 82 -9.42 21.89 -2.76
C SER N 82 -8.73 21.78 -1.41
N ARG N 83 -7.74 22.64 -1.17
CA ARG N 83 -7.02 22.62 0.10
C ARG N 83 -7.94 22.96 1.26
N LEU N 84 -8.77 23.98 1.08
CA LEU N 84 -9.77 24.35 2.07
C LEU N 84 -10.66 23.17 2.43
N ALA N 85 -11.19 22.48 1.42
CA ALA N 85 -12.05 21.33 1.67
C ALA N 85 -11.29 20.24 2.41
N HIS N 86 -10.05 19.99 2.01
CA HIS N 86 -9.22 19.00 2.68
C HIS N 86 -9.00 19.36 4.15
N TYR N 87 -8.65 20.61 4.40
CA TYR N 87 -8.39 21.11 5.76
C TYR N 87 -9.57 20.84 6.69
N ASN N 88 -10.78 20.87 6.15
CA ASN N 88 -12.01 20.75 6.92
C ASN N 88 -12.63 19.38 6.76
N LYS N 89 -11.85 18.43 6.23
CA LYS N 89 -12.26 17.04 6.04
C LYS N 89 -13.55 16.97 5.22
N ARG N 90 -13.65 17.81 4.20
CA ARG N 90 -14.75 17.80 3.27
C ARG N 90 -14.29 17.28 1.91
N SER N 91 -15.12 16.45 1.27
CA SER N 91 -14.77 15.90 -0.03
C SER N 91 -15.38 16.65 -1.20
N THR N 92 -16.22 17.65 -0.94
CA THR N 92 -16.94 18.37 -1.99
C THR N 92 -16.52 19.83 -2.00
N ILE N 93 -16.16 20.34 -3.17
CA ILE N 93 -16.00 21.78 -3.37
C ILE N 93 -17.33 22.38 -3.77
N THR N 94 -17.85 23.27 -2.92
CA THR N 94 -19.10 23.99 -3.09
C THR N 94 -18.75 25.46 -3.28
N SER N 95 -19.77 26.30 -3.49
CA SER N 95 -19.52 27.72 -3.61
C SER N 95 -18.87 28.34 -2.38
N ARG N 96 -19.03 27.73 -1.18
CA ARG N 96 -18.39 28.30 0.01
C ARG N 96 -16.87 28.21 0.00
N GLU N 97 -16.30 27.05 -0.35
CA GLU N 97 -14.85 26.94 -0.47
C GLU N 97 -14.31 27.82 -1.58
N ILE N 98 -15.00 27.87 -2.72
CA ILE N 98 -14.58 28.75 -3.80
C ILE N 98 -14.55 30.19 -3.31
N GLN N 99 -15.60 30.60 -2.58
CA GLN N 99 -15.72 31.97 -2.11
C GLN N 99 -14.62 32.30 -1.12
N THR N 100 -14.34 31.39 -0.19
CA THR N 100 -13.30 31.63 0.80
C THR N 100 -11.93 31.71 0.11
N ALA N 101 -11.67 30.82 -0.84
CA ALA N 101 -10.45 30.88 -1.63
C ALA N 101 -10.32 32.21 -2.34
N VAL N 102 -11.42 32.70 -2.92
CA VAL N 102 -11.44 34.00 -3.59
C VAL N 102 -11.07 35.10 -2.60
N ARG N 103 -11.61 35.03 -1.38
CA ARG N 103 -11.30 36.04 -0.38
C ARG N 103 -9.82 35.99 0.00
N LEU N 104 -9.25 34.78 0.03
CA LEU N 104 -7.82 34.67 0.31
C LEU N 104 -6.99 35.24 -0.83
N LEU N 105 -7.40 35.00 -2.06
CA LEU N 105 -6.57 35.32 -3.21
C LEU N 105 -6.74 36.75 -3.71
N LEU N 106 -7.94 37.31 -3.58
CA LEU N 106 -8.03 38.61 -4.22
C LEU N 106 -7.83 39.73 -3.21
N PRO N 107 -7.17 40.82 -3.62
CA PRO N 107 -6.99 41.95 -2.70
C PRO N 107 -8.25 42.78 -2.55
N GLY N 108 -8.56 43.14 -1.30
CA GLY N 108 -9.50 44.19 -0.98
C GLY N 108 -10.74 44.34 -1.83
N GLU N 109 -10.86 45.49 -2.50
CA GLU N 109 -12.06 45.77 -3.28
C GLU N 109 -12.23 44.79 -4.42
N LEU N 110 -11.13 44.29 -4.98
CA LEU N 110 -11.24 43.30 -6.04
C LEU N 110 -11.92 42.05 -5.50
N ALA N 111 -11.54 41.64 -4.28
CA ALA N 111 -12.16 40.50 -3.64
C ALA N 111 -13.64 40.76 -3.38
N LYS N 112 -13.96 41.94 -2.86
CA LYS N 112 -15.35 42.24 -2.57
C LYS N 112 -16.20 42.21 -3.84
N HIS N 113 -15.69 42.80 -4.92
CA HIS N 113 -16.44 42.83 -6.17
C HIS N 113 -16.61 41.43 -6.75
N ALA N 114 -15.55 40.63 -6.72
CA ALA N 114 -15.65 39.27 -7.24
C ALA N 114 -16.65 38.46 -6.44
N VAL N 115 -16.61 38.56 -5.11
CA VAL N 115 -17.58 37.86 -4.28
C VAL N 115 -19.00 38.31 -4.59
N SER N 116 -19.20 39.62 -4.77
CA SER N 116 -20.54 40.13 -5.10
C SER N 116 -21.04 39.54 -6.41
N GLU N 117 -20.18 39.51 -7.43
CA GLU N 117 -20.56 38.96 -8.72
C GLU N 117 -20.91 37.49 -8.59
N GLY N 118 -20.08 36.74 -7.86
CA GLY N 118 -20.33 35.32 -7.70
C GLY N 118 -21.63 35.05 -6.97
N THR N 119 -21.91 35.80 -5.89
CA THR N 119 -23.13 35.55 -5.14
C THR N 119 -24.35 35.85 -6.00
N LYS N 120 -24.36 37.00 -6.68
CA LYS N 120 -25.48 37.28 -7.56
C LYS N 120 -25.66 36.16 -8.57
N ALA N 121 -24.57 35.69 -9.18
CA ALA N 121 -24.67 34.65 -10.19
C ALA N 121 -25.21 33.34 -9.62
N VAL N 122 -24.75 32.93 -8.44
CA VAL N 122 -25.21 31.66 -7.86
C VAL N 122 -26.67 31.76 -7.45
N THR N 123 -27.08 32.90 -6.89
CA THR N 123 -28.46 33.05 -6.48
C THR N 123 -29.38 33.10 -7.69
N LYS N 124 -28.94 33.75 -8.77
CA LYS N 124 -29.75 33.74 -9.98
C LYS N 124 -29.84 32.32 -10.55
N TYR N 125 -28.74 31.57 -10.52
CA TYR N 125 -28.76 30.20 -11.02
C TYR N 125 -29.71 29.33 -10.23
N THR N 126 -29.71 29.46 -8.90
CA THR N 126 -30.56 28.62 -8.07
C THR N 126 -32.04 28.85 -8.36
N SER N 127 -32.39 30.05 -8.79
CA SER N 127 -33.78 30.37 -9.10
C SER N 127 -34.07 30.14 -10.58
N HIS O 43 30.14 67.99 -32.93
CA HIS O 43 29.18 67.86 -31.83
C HIS O 43 29.49 66.63 -30.98
N ARG O 44 29.23 66.74 -29.68
CA ARG O 44 29.41 65.64 -28.73
C ARG O 44 28.42 65.82 -27.59
N TYR O 45 27.63 64.79 -27.33
CA TYR O 45 26.72 64.81 -26.20
C TYR O 45 27.47 64.51 -24.90
N ARG O 46 27.03 65.14 -23.82
CA ARG O 46 27.68 64.91 -22.54
C ARG O 46 27.35 63.50 -22.04
N PRO O 47 28.25 62.90 -21.26
CA PRO O 47 27.96 61.57 -20.69
C PRO O 47 26.64 61.53 -19.94
N GLY O 48 25.73 60.65 -20.36
CA GLY O 48 24.44 60.47 -19.74
C GLY O 48 23.25 60.86 -20.60
N THR O 49 23.40 61.88 -21.46
CA THR O 49 22.27 62.30 -22.27
C THR O 49 21.84 61.18 -23.22
N VAL O 50 22.82 60.54 -23.85
CA VAL O 50 22.53 59.49 -24.80
C VAL O 50 22.12 58.25 -24.03
N ALA O 51 22.72 58.06 -22.85
CA ALA O 51 22.31 56.97 -21.97
C ALA O 51 20.84 57.10 -21.61
N LEU O 52 20.42 58.30 -21.18
CA LEU O 52 19.02 58.52 -20.84
C LEU O 52 18.12 58.29 -22.05
N ARG O 53 18.54 58.80 -23.21
CA ARG O 53 17.79 58.56 -24.44
C ARG O 53 17.62 57.08 -24.70
N GLU O 54 18.68 56.30 -24.45
CA GLU O 54 18.61 54.86 -24.67
C GLU O 54 17.65 54.21 -23.69
N ILE O 55 17.63 54.70 -22.44
CA ILE O 55 16.68 54.17 -21.47
C ILE O 55 15.26 54.41 -21.95
N ARG O 56 14.96 55.64 -22.37
CA ARG O 56 13.62 55.95 -22.86
C ARG O 56 13.27 55.09 -24.07
N ARG O 57 14.21 54.96 -25.02
CA ARG O 57 13.96 54.15 -26.22
C ARG O 57 13.56 52.73 -25.85
N TYR O 58 14.36 52.06 -25.02
CA TYR O 58 14.09 50.65 -24.76
C TYR O 58 12.99 50.43 -23.74
N GLN O 59 12.64 51.43 -22.93
CA GLN O 59 11.47 51.23 -22.08
C GLN O 59 10.19 51.52 -22.85
N LYS O 60 10.28 52.25 -23.97
CA LYS O 60 9.12 52.53 -24.80
C LYS O 60 8.73 51.33 -25.64
N SER O 61 9.68 50.48 -26.01
CA SER O 61 9.46 49.41 -26.97
C SER O 61 9.42 48.06 -26.27
N THR O 62 9.17 47.02 -27.07
CA THR O 62 8.97 45.68 -26.56
C THR O 62 9.80 44.61 -27.26
N GLU O 63 10.61 44.96 -28.25
CA GLU O 63 11.31 43.93 -29.00
C GLU O 63 12.36 43.24 -28.12
N LEU O 64 12.57 41.96 -28.41
CA LEU O 64 13.55 41.18 -27.67
C LEU O 64 14.95 41.73 -27.91
N LEU O 65 15.79 41.70 -26.88
CA LEU O 65 17.06 42.42 -26.91
C LEU O 65 18.30 41.55 -27.10
N ILE O 66 18.20 40.25 -26.91
CA ILE O 66 19.30 39.34 -27.19
C ILE O 66 19.15 38.79 -28.59
N ARG O 67 20.27 38.61 -29.28
CA ARG O 67 20.22 38.07 -30.63
C ARG O 67 19.67 36.65 -30.58
N LYS O 68 18.76 36.33 -31.51
CA LYS O 68 18.07 35.06 -31.47
C LYS O 68 19.01 33.87 -31.54
N LEU O 69 19.80 33.79 -32.62
CA LEU O 69 20.64 32.64 -32.93
C LEU O 69 21.77 32.39 -31.91
N PRO O 70 22.51 33.42 -31.46
CA PRO O 70 23.53 33.14 -30.42
C PRO O 70 22.92 32.61 -29.14
N PHE O 71 21.76 33.14 -28.76
CA PHE O 71 21.07 32.62 -27.60
C PHE O 71 20.70 31.16 -27.85
N GLN O 72 20.22 30.88 -29.07
CA GLN O 72 19.85 29.52 -29.43
C GLN O 72 21.01 28.56 -29.27
N ARG O 73 22.21 28.96 -29.72
CA ARG O 73 23.35 28.08 -29.52
C ARG O 73 23.60 27.86 -28.03
N LEU O 74 23.45 28.91 -27.23
CA LEU O 74 23.62 28.77 -25.78
C LEU O 74 22.63 27.77 -25.20
N VAL O 75 21.36 27.91 -25.54
CA VAL O 75 20.31 27.01 -25.04
C VAL O 75 20.60 25.58 -25.43
N ARG O 76 20.99 25.37 -26.68
CA ARG O 76 21.27 24.01 -27.14
C ARG O 76 22.49 23.44 -26.43
N GLU O 77 23.51 24.26 -26.21
CA GLU O 77 24.69 23.81 -25.47
C GLU O 77 24.33 23.37 -24.06
N ILE O 78 23.61 24.23 -23.33
CA ILE O 78 23.26 23.91 -21.95
C ILE O 78 22.39 22.65 -21.91
N ALA O 79 21.40 22.53 -22.80
CA ALA O 79 20.57 21.33 -22.79
C ALA O 79 21.40 20.10 -23.11
N GLN O 80 22.34 20.22 -24.05
CA GLN O 80 23.18 19.10 -24.44
C GLN O 80 24.07 18.64 -23.29
N ASP O 81 24.43 19.56 -22.39
CA ASP O 81 25.21 19.13 -21.25
C ASP O 81 24.37 18.43 -20.18
N PHE O 82 23.06 18.31 -20.39
CA PHE O 82 22.19 17.49 -19.56
C PHE O 82 21.78 16.19 -20.24
N LYS O 83 21.42 16.26 -21.52
CA LYS O 83 21.07 15.09 -22.31
C LYS O 83 21.51 15.34 -23.75
N THR O 84 22.22 14.37 -24.32
CA THR O 84 22.74 14.51 -25.67
C THR O 84 21.61 14.35 -26.69
N ASP O 85 21.80 15.00 -27.84
CA ASP O 85 20.99 14.80 -29.04
C ASP O 85 19.57 15.33 -28.88
N LEU O 86 19.37 16.22 -27.90
CA LEU O 86 18.06 16.83 -27.68
C LEU O 86 17.70 17.75 -28.83
N ARG O 87 16.41 17.81 -29.14
CA ARG O 87 15.89 18.85 -30.03
C ARG O 87 15.06 19.83 -29.22
N PHE O 88 14.73 20.96 -29.86
CA PHE O 88 13.95 22.02 -29.23
C PHE O 88 12.86 22.49 -30.17
N GLN O 89 11.66 22.68 -29.63
CA GLN O 89 10.65 23.44 -30.37
C GLN O 89 11.07 24.89 -30.45
N SER O 90 10.78 25.52 -31.60
CA SER O 90 11.09 26.94 -31.77
C SER O 90 10.49 27.79 -30.65
N SER O 91 9.20 27.59 -30.37
CA SER O 91 8.55 28.37 -29.34
C SER O 91 9.12 28.08 -27.96
N ALA O 92 9.78 26.92 -27.79
CA ALA O 92 10.41 26.61 -26.52
C ALA O 92 11.62 27.50 -26.31
N VAL O 93 12.41 27.69 -27.37
CA VAL O 93 13.58 28.56 -27.27
C VAL O 93 13.13 29.99 -27.08
N MET O 94 12.09 30.42 -27.79
CA MET O 94 11.61 31.78 -27.58
C MET O 94 11.10 31.97 -26.17
N ALA O 95 10.46 30.94 -25.60
CA ALA O 95 9.98 31.05 -24.22
C ALA O 95 11.15 31.21 -23.25
N LEU O 96 12.19 30.37 -23.41
CA LEU O 96 13.36 30.51 -22.54
C LEU O 96 13.98 31.89 -22.69
N GLN O 97 14.00 32.43 -23.91
CA GLN O 97 14.63 33.72 -24.13
C GLN O 97 13.81 34.84 -23.51
N GLU O 98 12.48 34.80 -23.69
CA GLU O 98 11.60 35.78 -23.06
C GLU O 98 11.77 35.75 -21.56
N ALA O 99 11.79 34.54 -20.97
CA ALA O 99 11.94 34.40 -19.53
C ALA O 99 13.27 34.98 -19.07
N CYS O 100 14.35 34.68 -19.80
CA CYS O 100 15.67 35.15 -19.40
C CYS O 100 15.73 36.66 -19.43
N GLU O 101 15.23 37.28 -20.51
CA GLU O 101 15.32 38.73 -20.59
C GLU O 101 14.42 39.41 -19.55
N ALA O 102 13.22 38.89 -19.32
CA ALA O 102 12.38 39.46 -18.25
C ALA O 102 13.07 39.36 -16.90
N TYR O 103 13.72 38.22 -16.63
CA TYR O 103 14.42 38.04 -15.38
C TYR O 103 15.56 39.05 -15.26
N LEU O 104 16.35 39.20 -16.32
CA LEU O 104 17.48 40.12 -16.29
C LEU O 104 17.03 41.57 -16.14
N VAL O 105 15.97 42.00 -16.86
CA VAL O 105 15.52 43.37 -16.69
C VAL O 105 15.10 43.61 -15.24
N GLY O 106 14.34 42.69 -14.65
CA GLY O 106 13.98 42.87 -13.25
C GLY O 106 15.19 42.91 -12.33
N LEU O 107 16.15 42.02 -12.57
CA LEU O 107 17.37 42.01 -11.76
C LEU O 107 18.12 43.33 -11.89
N PHE O 108 18.15 43.92 -13.09
CA PHE O 108 18.84 45.19 -13.28
C PHE O 108 18.07 46.33 -12.64
N GLU O 109 16.74 46.25 -12.59
CA GLU O 109 15.96 47.22 -11.82
C GLU O 109 16.37 47.18 -10.36
N ASP O 110 16.43 45.98 -9.79
CA ASP O 110 16.79 45.87 -8.38
C ASP O 110 18.22 46.34 -8.14
N THR O 111 19.14 45.96 -9.03
CA THR O 111 20.51 46.43 -8.97
C THR O 111 20.57 47.96 -8.97
N ASN O 112 19.79 48.59 -9.85
CA ASN O 112 19.75 50.05 -9.87
C ASN O 112 19.27 50.62 -8.55
N LEU O 113 18.23 50.02 -7.96
CA LEU O 113 17.77 50.52 -6.67
C LEU O 113 18.86 50.40 -5.61
N CYS O 114 19.63 49.31 -5.66
CA CYS O 114 20.72 49.15 -4.69
C CYS O 114 21.82 50.17 -4.94
N ALA O 115 22.13 50.43 -6.20
CA ALA O 115 23.14 51.45 -6.54
C ALA O 115 22.72 52.82 -6.04
N ILE O 116 21.47 53.20 -6.31
CA ILE O 116 20.97 54.50 -5.86
C ILE O 116 21.00 54.56 -4.34
N HIS O 117 20.67 53.45 -3.68
CA HIS O 117 20.74 53.40 -2.22
C HIS O 117 22.13 53.77 -1.71
N ALA O 118 23.19 53.35 -2.40
CA ALA O 118 24.55 53.65 -1.97
C ALA O 118 25.05 54.99 -2.51
N LYS O 119 24.14 55.86 -2.93
CA LYS O 119 24.47 57.19 -3.46
C LYS O 119 25.44 57.13 -4.63
N ARG O 120 25.39 56.06 -5.41
CA ARG O 120 26.12 55.93 -6.66
C ARG O 120 25.16 55.95 -7.84
N VAL O 121 25.72 56.09 -9.04
CA VAL O 121 24.95 56.05 -10.26
C VAL O 121 25.42 54.93 -11.18
N THR O 122 26.49 54.24 -10.80
CA THR O 122 27.08 53.16 -11.58
C THR O 122 26.81 51.85 -10.84
N ILE O 123 26.22 50.89 -11.52
CA ILE O 123 25.96 49.60 -10.89
C ILE O 123 27.24 48.78 -10.91
N MET O 124 27.47 48.04 -9.83
CA MET O 124 28.69 47.28 -9.61
C MET O 124 28.34 45.87 -9.16
N PRO O 125 29.28 44.92 -9.25
CA PRO O 125 28.98 43.55 -8.83
C PRO O 125 28.39 43.38 -7.44
N LYS O 126 28.85 44.14 -6.44
CA LYS O 126 28.28 43.98 -5.10
C LYS O 126 26.81 44.36 -5.08
N ASP O 127 26.38 45.24 -5.98
CA ASP O 127 24.96 45.57 -6.08
C ASP O 127 24.17 44.37 -6.59
N ILE O 128 24.66 43.71 -7.63
CA ILE O 128 24.02 42.50 -8.12
C ILE O 128 23.96 41.46 -7.02
N GLN O 129 25.06 41.29 -6.29
CA GLN O 129 25.10 40.26 -5.26
C GLN O 129 24.13 40.58 -4.12
N LEU O 130 23.97 41.86 -3.79
CA LEU O 130 23.00 42.23 -2.77
C LEU O 130 21.58 41.93 -3.27
N ALA O 131 21.29 42.29 -4.52
CA ALA O 131 19.96 42.06 -5.07
C ALA O 131 19.63 40.58 -5.04
N ARG O 132 20.57 39.72 -5.41
CA ARG O 132 20.28 38.29 -5.44
C ARG O 132 20.22 37.71 -4.04
N ARG O 133 21.01 38.23 -3.09
CA ARG O 133 20.90 37.74 -1.72
C ARG O 133 19.54 38.09 -1.13
N ILE O 134 19.05 39.31 -1.38
CA ILE O 134 17.76 39.70 -0.81
C ILE O 134 16.62 38.99 -1.52
N ARG O 135 16.75 38.74 -2.82
CA ARG O 135 15.73 37.98 -3.52
C ARG O 135 15.64 36.54 -3.03
N GLY O 136 16.69 36.04 -2.40
CA GLY O 136 16.73 34.66 -1.97
C GLY O 136 17.28 33.71 -3.00
N GLU O 137 17.96 34.22 -4.02
CA GLU O 137 18.59 33.36 -5.02
C GLU O 137 19.95 32.87 -4.56
N ARG O 138 20.57 33.57 -3.62
CA ARG O 138 21.83 33.12 -3.03
C ARG O 138 21.73 33.06 -1.50
N ARG P 27 29.70 25.18 -28.38
CA ARG P 27 30.69 25.34 -27.32
C ARG P 27 30.94 26.82 -27.02
N ASP P 28 31.06 27.13 -25.72
CA ASP P 28 31.36 28.48 -25.25
C ASP P 28 30.32 29.47 -25.79
N ASN P 29 29.13 28.96 -26.08
CA ASN P 29 28.02 29.80 -26.54
C ASN P 29 27.54 30.78 -25.48
N ILE P 30 27.94 30.61 -24.21
CA ILE P 30 27.57 31.56 -23.18
C ILE P 30 28.12 32.94 -23.52
N GLN P 31 29.18 32.98 -24.34
CA GLN P 31 29.79 34.22 -24.79
C GLN P 31 28.90 34.93 -25.81
N GLY P 32 27.85 34.25 -26.28
CA GLY P 32 26.87 34.85 -27.16
C GLY P 32 25.97 35.85 -26.48
N ILE P 33 25.92 35.84 -25.15
CA ILE P 33 25.23 36.91 -24.43
C ILE P 33 26.22 38.06 -24.44
N THR P 34 26.15 38.89 -25.48
CA THR P 34 27.21 39.84 -25.77
C THR P 34 27.16 41.04 -24.84
N LYS P 35 28.28 41.77 -24.82
CA LYS P 35 28.33 43.03 -24.08
C LYS P 35 27.24 44.01 -24.50
N PRO P 36 27.00 44.26 -25.79
CA PRO P 36 25.91 45.19 -26.13
C PRO P 36 24.54 44.64 -25.75
N ALA P 37 24.37 43.31 -25.73
CA ALA P 37 23.07 42.76 -25.33
C ALA P 37 22.83 43.03 -23.85
N ILE P 38 23.84 42.80 -23.03
CA ILE P 38 23.70 43.05 -21.60
C ILE P 38 23.48 44.54 -21.37
N ARG P 39 24.18 45.39 -22.14
CA ARG P 39 23.92 46.82 -22.04
C ARG P 39 22.47 47.15 -22.37
N ARG P 40 21.91 46.54 -23.41
CA ARG P 40 20.51 46.83 -23.82
C ARG P 40 19.56 46.40 -22.71
N LEU P 41 19.74 45.20 -22.14
CA LEU P 41 18.93 44.75 -21.01
C LEU P 41 19.05 45.69 -19.81
N ALA P 42 20.26 46.18 -19.54
CA ALA P 42 20.43 47.08 -18.41
C ALA P 42 19.73 48.40 -18.67
N ARG P 43 19.79 48.87 -19.91
CA ARG P 43 19.08 50.09 -20.31
C ARG P 43 17.58 49.97 -20.07
N ARG P 44 16.98 48.83 -20.46
CA ARG P 44 15.56 48.66 -20.16
C ARG P 44 15.30 48.66 -18.67
N GLY P 45 16.27 48.19 -17.88
CA GLY P 45 16.12 48.25 -16.44
C GLY P 45 16.42 49.62 -15.87
N GLY P 46 16.78 50.58 -16.71
CA GLY P 46 16.99 51.95 -16.30
C GLY P 46 18.39 52.27 -15.86
N VAL P 47 19.36 51.40 -16.15
CA VAL P 47 20.73 51.56 -15.71
C VAL P 47 21.49 52.42 -16.71
N LYS P 48 22.19 53.45 -16.22
CA LYS P 48 22.87 54.43 -17.03
C LYS P 48 24.37 54.15 -17.22
N ARG P 49 25.02 53.51 -16.26
CA ARG P 49 26.46 53.29 -16.29
C ARG P 49 26.75 51.87 -15.83
N ILE P 50 27.75 51.24 -16.46
CA ILE P 50 27.99 49.80 -16.31
C ILE P 50 29.47 49.57 -16.09
N SER P 51 29.81 48.96 -14.94
CA SER P 51 31.18 48.60 -14.65
C SER P 51 31.64 47.53 -15.64
N GLY P 52 32.92 47.54 -15.96
CA GLY P 52 33.42 46.55 -16.91
C GLY P 52 33.22 45.12 -16.44
N LEU P 53 33.18 44.90 -15.12
CA LEU P 53 33.04 43.55 -14.59
C LEU P 53 31.59 43.04 -14.58
N ILE P 54 30.60 43.90 -14.83
CA ILE P 54 29.21 43.44 -14.79
C ILE P 54 28.93 42.35 -15.80
N TYR P 55 29.46 42.50 -17.02
CA TYR P 55 29.05 41.63 -18.11
C TYR P 55 29.34 40.16 -17.82
N GLU P 56 30.58 39.84 -17.43
CA GLU P 56 30.87 38.45 -17.11
C GLU P 56 30.01 37.99 -15.95
N GLU P 57 29.82 38.87 -14.96
CA GLU P 57 29.01 38.48 -13.81
C GLU P 57 27.61 38.15 -14.28
N THR P 58 27.06 39.00 -15.16
CA THR P 58 25.70 38.77 -15.62
C THR P 58 25.61 37.42 -16.30
N ARG P 59 26.65 37.07 -17.08
CA ARG P 59 26.57 35.82 -17.81
C ARG P 59 26.46 34.67 -16.84
N GLY P 60 27.26 34.69 -15.77
CA GLY P 60 27.20 33.61 -14.82
C GLY P 60 25.81 33.50 -14.25
N VAL P 61 25.24 34.64 -13.86
CA VAL P 61 23.91 34.61 -13.26
C VAL P 61 22.94 34.03 -14.25
N LEU P 62 23.02 34.49 -15.50
CA LEU P 62 22.06 34.03 -16.49
C LEU P 62 22.20 32.53 -16.65
N LYS P 63 23.44 32.03 -16.69
CA LYS P 63 23.62 30.61 -16.93
C LYS P 63 22.96 29.83 -15.81
N VAL P 64 23.14 30.30 -14.56
CA VAL P 64 22.56 29.58 -13.44
C VAL P 64 21.06 29.53 -13.62
N PHE P 65 20.47 30.70 -13.94
CA PHE P 65 19.03 30.76 -14.11
C PHE P 65 18.60 29.76 -15.16
N LEU P 66 19.29 29.76 -16.31
CA LEU P 66 18.85 28.90 -17.39
C LEU P 66 18.92 27.46 -16.93
N GLU P 67 20.03 27.10 -16.28
CA GLU P 67 20.20 25.73 -15.83
C GLU P 67 18.99 25.32 -15.01
N ASN P 68 18.64 26.15 -14.03
CA ASN P 68 17.57 25.78 -13.12
C ASN P 68 16.29 25.58 -13.89
N VAL P 69 15.98 26.48 -14.82
CA VAL P 69 14.76 26.32 -15.57
C VAL P 69 14.85 25.09 -16.47
N ILE P 70 15.95 24.98 -17.22
CA ILE P 70 15.99 23.94 -18.24
C ILE P 70 16.00 22.57 -17.60
N ARG P 71 16.70 22.43 -16.48
CA ARG P 71 16.71 21.18 -15.76
C ARG P 71 15.29 20.73 -15.48
N ASP P 72 14.50 21.63 -14.88
CA ASP P 72 13.13 21.25 -14.54
C ASP P 72 12.36 20.93 -15.80
N ALA P 73 12.55 21.73 -16.85
CA ALA P 73 11.80 21.49 -18.08
C ALA P 73 12.08 20.08 -18.56
N VAL P 74 13.36 19.70 -18.55
CA VAL P 74 13.72 18.41 -19.12
C VAL P 74 13.13 17.30 -18.26
N THR P 75 13.05 17.53 -16.95
CA THR P 75 12.44 16.52 -16.09
C THR P 75 11.01 16.24 -16.53
N TYR P 76 10.24 17.31 -16.79
CA TYR P 76 8.88 17.08 -17.27
C TYR P 76 8.89 16.32 -18.58
N THR P 77 9.79 16.72 -19.49
CA THR P 77 9.85 16.03 -20.78
C THR P 77 10.14 14.56 -20.53
N GLU P 78 11.04 14.28 -19.59
CA GLU P 78 11.42 12.90 -19.35
C GLU P 78 10.26 12.16 -18.71
N HIS P 79 9.52 12.85 -17.83
CA HIS P 79 8.37 12.19 -17.23
C HIS P 79 7.36 11.81 -18.30
N ALA P 80 7.20 12.66 -19.33
CA ALA P 80 6.21 12.35 -20.35
C ALA P 80 6.73 11.35 -21.38
N LYS P 81 7.97 10.88 -21.23
CA LYS P 81 8.62 9.99 -22.20
C LYS P 81 8.55 10.57 -23.60
N ARG P 82 8.85 11.87 -23.71
CA ARG P 82 8.90 12.54 -25.00
C ARG P 82 10.38 12.90 -25.18
N LYS P 83 10.79 13.19 -26.41
CA LYS P 83 12.16 13.62 -26.68
C LYS P 83 12.25 15.08 -27.13
N THR P 84 11.12 15.79 -27.21
CA THR P 84 11.08 17.18 -27.62
C THR P 84 10.56 18.00 -26.44
N VAL P 85 11.37 18.92 -25.95
CA VAL P 85 10.90 19.84 -24.92
C VAL P 85 9.88 20.79 -25.53
N THR P 86 8.69 20.83 -24.93
CA THR P 86 7.58 21.65 -25.39
C THR P 86 7.47 22.93 -24.57
N ALA P 87 6.69 23.87 -25.11
CA ALA P 87 6.39 25.11 -24.41
C ALA P 87 5.73 24.86 -23.05
N MET P 88 4.87 23.84 -22.95
CA MET P 88 4.21 23.58 -21.67
C MET P 88 5.20 23.12 -20.61
N ASP P 89 6.20 22.34 -21.00
CA ASP P 89 7.25 21.95 -20.06
C ASP P 89 7.92 23.17 -19.45
N VAL P 90 8.24 24.15 -20.29
CA VAL P 90 8.89 25.37 -19.82
C VAL P 90 7.96 26.18 -18.93
N VAL P 91 6.70 26.33 -19.33
CA VAL P 91 5.75 27.07 -18.52
C VAL P 91 5.60 26.43 -17.15
N TYR P 92 5.51 25.10 -17.09
CA TYR P 92 5.42 24.41 -15.82
C TYR P 92 6.69 24.60 -14.99
N ALA P 93 7.87 24.53 -15.62
CA ALA P 93 9.11 24.75 -14.89
C ALA P 93 9.12 26.13 -14.27
N LEU P 94 8.73 27.14 -15.05
CA LEU P 94 8.73 28.51 -14.55
C LEU P 94 7.72 28.66 -13.41
N LYS P 95 6.53 28.07 -13.57
CA LYS P 95 5.52 28.15 -12.52
C LYS P 95 6.05 27.55 -11.23
N ARG P 96 6.66 26.36 -11.32
CA ARG P 96 7.14 25.70 -10.11
C ARG P 96 8.41 26.34 -9.56
N GLN P 97 9.04 27.24 -10.32
CA GLN P 97 10.16 28.02 -9.82
C GLN P 97 9.69 29.41 -9.40
N GLY P 98 8.38 29.68 -9.47
CA GLY P 98 7.85 30.96 -9.08
C GLY P 98 8.05 32.08 -10.07
N ARG P 99 8.16 31.76 -11.36
CA ARG P 99 8.33 32.76 -12.42
C ARG P 99 7.32 32.50 -13.54
N THR P 100 6.05 32.32 -13.15
CA THR P 100 4.98 32.02 -14.09
C THR P 100 4.97 33.02 -15.25
N LEU P 101 4.91 32.49 -16.46
CA LEU P 101 4.96 33.27 -17.69
C LEU P 101 3.63 33.13 -18.42
N TYR P 102 3.04 34.26 -18.81
CA TYR P 102 1.76 34.27 -19.49
C TYR P 102 1.95 34.31 -21.00
N GLY P 103 1.09 33.59 -21.72
CA GLY P 103 0.93 33.77 -23.15
C GLY P 103 1.37 32.62 -24.03
N PHE P 104 2.00 31.58 -23.50
CA PHE P 104 2.51 30.50 -24.34
C PHE P 104 1.80 29.18 -24.03
N GLY P 105 0.63 29.24 -23.40
CA GLY P 105 -0.14 28.05 -23.11
C GLY P 105 -0.84 27.49 -24.34
#